data_8AY1
#
_entry.id   8AY1
#
_cell.length_a   156.848
_cell.length_b   156.848
_cell.length_c   80.451
_cell.angle_alpha   90.00
_cell.angle_beta   90.00
_cell.angle_gamma   120.00
#
_symmetry.space_group_name_H-M   'P 63'
#
loop_
_entity.id
_entity.type
_entity.pdbx_description
1 polymer 'GDP-fucose protein O-fucosyltransferase 2,Spondin-1'
2 non-polymer 2-acetamido-2-deoxy-beta-D-glucopyranose
3 non-polymer 1,2-ETHANEDIOL
4 non-polymer 'SULFATE ION'
5 non-polymer GLYCEROL
6 water water
#
_entity_poly.entity_id   1
_entity_poly.type   'polypeptide(L)'
_entity_poly.pdbx_seq_one_letter_code
;AEKKFLLYDVNFGEGFNLRRDVYMRVANTVRSLRDSGENYILVLPPWGRLHHWKRMEVALSWRLFFDLESLNRFIPVIEF
EDFLDENRPIDQVIYLQHYAEGWGTEYVRKFEKRSCLPPAESHYKQVEEFKWKGWFYSYEDVYSRNFQCVSIQGDSGTLK
DLLKHSNFSESTSIMVDRAETILHEHYGEVDYWKARRSMRYSNDLVDVADAFRKKYLDSDDKRDKTKLVDDWTKEKPRRT
AIGGPYLGIHWRRRDFLYAKKAQLPTIPGTAKILQDLCKKLDLQKIYLATDAPDQEVDELKALLNGELEVYRFTDTQKLN
DGQIAIIDQYLCAHAAYFIGSYESTFTFRIQEDREIIGFPISTTFNRLCPDTEPTCEQPCKWKIVYSSGGGGSGGGGSGG
GGGSSGSSIPCLLSPWSCWSDCSVTCGKGMRTRQRMLKSLAELGDCNEDLEQAEKCMLPECP
;
_entity_poly.pdbx_strand_id   A,B
#
loop_
_chem_comp.id
_chem_comp.type
_chem_comp.name
_chem_comp.formula
EDO non-polymer 1,2-ETHANEDIOL 'C2 H6 O2'
GOL non-polymer GLYCEROL 'C3 H8 O3'
NAG D-saccharide, beta linking 2-acetamido-2-deoxy-beta-D-glucopyranose 'C8 H15 N O6'
SO4 non-polymer 'SULFATE ION' 'O4 S -2'
#
# COMPACT_ATOMS: atom_id res chain seq x y z
N ALA A 1 -2.47 33.80 18.26
CA ALA A 1 -2.28 33.98 16.84
C ALA A 1 -0.76 34.03 16.58
N GLU A 2 -0.03 33.26 17.40
CA GLU A 2 1.25 32.65 17.13
C GLU A 2 1.10 31.78 15.88
N LYS A 3 2.15 31.66 15.06
CA LYS A 3 2.08 30.89 13.84
C LYS A 3 1.98 29.41 14.18
N LYS A 4 0.96 28.77 13.58
CA LYS A 4 0.78 27.33 13.64
C LYS A 4 0.78 26.77 12.21
N PHE A 5 1.22 25.52 12.10
CA PHE A 5 1.40 24.82 10.83
C PHE A 5 0.50 23.57 10.83
N LEU A 6 -0.33 23.46 9.78
CA LEU A 6 -1.07 22.23 9.53
C LEU A 6 -0.40 21.43 8.41
N LEU A 7 0.01 20.21 8.73
CA LEU A 7 0.47 19.25 7.74
C LEU A 7 -0.65 18.23 7.59
N TYR A 8 -0.68 17.53 6.44
CA TYR A 8 -1.60 16.42 6.29
C TYR A 8 -1.05 15.36 5.35
N ASP A 9 -1.69 14.20 5.36
CA ASP A 9 -1.42 13.19 4.37
C ASP A 9 -2.73 12.45 4.09
N VAL A 10 -2.65 11.57 3.10
CA VAL A 10 -3.78 10.90 2.53
C VAL A 10 -3.40 9.43 2.40
N ASN A 11 -4.40 8.58 2.59
CA ASN A 11 -4.28 7.16 2.34
C ASN A 11 -3.41 6.92 1.10
N PHE A 12 -2.36 6.10 1.24
CA PHE A 12 -1.56 5.58 0.13
C PHE A 12 -2.50 4.81 -0.82
N GLY A 13 -2.28 4.95 -2.11
CA GLY A 13 -3.17 4.24 -3.02
C GLY A 13 -4.36 5.11 -3.46
N GLU A 14 -4.59 6.26 -2.81
CA GLU A 14 -5.38 7.31 -3.43
C GLU A 14 -4.56 8.03 -4.51
N GLY A 15 -5.24 8.52 -5.54
CA GLY A 15 -4.60 9.05 -6.73
C GLY A 15 -4.51 10.56 -6.67
N PHE A 16 -3.84 11.11 -7.67
CA PHE A 16 -3.51 12.50 -7.78
C PHE A 16 -4.76 13.39 -7.68
N ASN A 17 -5.81 13.05 -8.42
CA ASN A 17 -6.96 13.95 -8.54
C ASN A 17 -7.85 13.87 -7.32
N LEU A 18 -7.90 12.73 -6.62
CA LEU A 18 -8.57 12.67 -5.33
C LEU A 18 -7.78 13.51 -4.31
N ARG A 19 -6.45 13.46 -4.35
CA ARG A 19 -5.66 14.26 -3.44
C ARG A 19 -5.87 15.74 -3.67
N ARG A 20 -6.16 16.14 -4.91
CA ARG A 20 -6.43 17.53 -5.19
C ARG A 20 -7.74 17.93 -4.52
N ASP A 21 -8.69 17.00 -4.46
CA ASP A 21 -9.93 17.27 -3.79
C ASP A 21 -9.70 17.38 -2.28
N VAL A 22 -8.87 16.51 -1.73
CA VAL A 22 -8.62 16.52 -0.31
C VAL A 22 -7.96 17.84 0.09
N TYR A 23 -7.09 18.37 -0.78
CA TYR A 23 -6.46 19.65 -0.54
C TYR A 23 -7.49 20.72 -0.18
N MET A 24 -8.59 20.72 -0.93
CA MET A 24 -9.61 21.74 -0.78
C MET A 24 -10.34 21.58 0.55
N ARG A 25 -10.53 20.34 1.00
CA ARG A 25 -11.12 20.08 2.30
C ARG A 25 -10.23 20.68 3.40
N VAL A 26 -8.92 20.46 3.29
CA VAL A 26 -7.95 20.85 4.29
C VAL A 26 -7.67 22.35 4.17
N ALA A 27 -7.67 22.91 2.96
CA ALA A 27 -7.57 24.35 2.78
C ALA A 27 -8.72 25.09 3.47
N ASN A 28 -9.93 24.55 3.36
CA ASN A 28 -11.11 25.13 3.99
C ASN A 28 -11.06 24.96 5.51
N THR A 29 -10.40 23.92 5.99
CA THR A 29 -10.18 23.80 7.42
C THR A 29 -9.30 24.94 7.89
N VAL A 30 -8.22 25.21 7.13
CA VAL A 30 -7.32 26.29 7.46
C VAL A 30 -8.04 27.64 7.37
N ARG A 31 -8.94 27.80 6.38
CA ARG A 31 -9.65 29.03 6.16
C ARG A 31 -10.59 29.28 7.34
N SER A 32 -11.28 28.24 7.83
CA SER A 32 -12.13 28.33 9.01
C SER A 32 -11.31 28.64 10.25
N LEU A 33 -10.20 27.93 10.44
CA LEU A 33 -9.27 28.18 11.53
C LEU A 33 -8.85 29.66 11.52
N ARG A 34 -8.55 30.23 10.35
CA ARG A 34 -8.04 31.59 10.29
C ARG A 34 -9.19 32.60 10.47
N ASP A 35 -10.39 32.24 10.03
CA ASP A 35 -11.59 33.05 10.23
C ASP A 35 -11.99 33.08 11.70
N SER A 36 -11.60 32.05 12.47
CA SER A 36 -11.88 32.01 13.90
C SER A 36 -10.68 32.55 14.68
N GLY A 37 -9.79 33.29 14.01
CA GLY A 37 -8.70 34.01 14.67
C GLY A 37 -7.40 33.22 14.87
N GLU A 38 -7.28 32.02 14.30
CA GLU A 38 -6.11 31.15 14.51
C GLU A 38 -5.14 31.29 13.33
N ASN A 39 -3.89 31.65 13.65
CA ASN A 39 -2.89 31.98 12.64
C ASN A 39 -2.23 30.71 12.09
N TYR A 40 -3.01 29.93 11.35
CA TYR A 40 -2.57 28.66 10.77
C TYR A 40 -2.04 28.89 9.36
N ILE A 41 -0.95 28.20 9.02
CA ILE A 41 -0.53 28.13 7.64
C ILE A 41 -0.46 26.66 7.22
N LEU A 42 -0.89 26.37 5.99
CA LEU A 42 -0.98 25.00 5.48
C LEU A 42 0.36 24.62 4.84
N VAL A 43 0.93 23.50 5.30
CA VAL A 43 2.13 22.94 4.72
C VAL A 43 1.75 21.92 3.63
N LEU A 44 2.27 22.15 2.42
CA LEU A 44 1.87 21.37 1.26
C LEU A 44 2.59 20.05 1.31
N PRO A 45 1.86 18.91 1.35
CA PRO A 45 2.51 17.59 1.41
C PRO A 45 3.18 17.31 0.06
N PRO A 46 4.46 16.86 0.05
CA PRO A 46 5.13 16.49 -1.18
C PRO A 46 4.35 15.42 -1.95
N TRP A 47 4.39 15.50 -3.27
CA TRP A 47 3.76 14.49 -4.12
C TRP A 47 4.65 13.28 -4.28
N GLY A 48 4.07 12.08 -4.17
CA GLY A 48 4.73 10.86 -4.57
C GLY A 48 4.51 10.54 -6.05
N ARG A 49 4.78 9.28 -6.39
CA ARG A 49 4.50 8.62 -7.67
C ARG A 49 3.06 8.82 -8.13
N LEU A 50 2.87 9.14 -9.41
CA LEU A 50 1.53 9.21 -9.97
C LEU A 50 0.92 7.82 -10.08
N HIS A 51 1.71 6.82 -10.48
CA HIS A 51 1.19 5.48 -10.73
C HIS A 51 1.73 4.50 -9.69
N HIS A 52 0.87 3.57 -9.27
CA HIS A 52 1.21 2.61 -8.23
C HIS A 52 2.09 1.50 -8.83
N TRP A 53 2.13 1.47 -10.18
CA TRP A 53 2.92 0.54 -10.98
C TRP A 53 4.22 1.19 -11.48
N LYS A 54 4.71 2.21 -10.77
CA LYS A 54 5.92 2.92 -11.15
C LYS A 54 6.85 3.05 -9.96
N ARG A 55 8.12 3.23 -10.27
CA ARG A 55 9.19 3.31 -9.29
C ARG A 55 9.05 4.61 -8.50
N MET A 56 8.81 4.52 -7.19
CA MET A 56 8.77 5.72 -6.35
C MET A 56 10.11 6.44 -6.53
N GLU A 57 10.03 7.76 -6.73
CA GLU A 57 11.18 8.65 -6.84
C GLU A 57 11.08 9.70 -5.73
N VAL A 58 12.02 10.65 -5.76
CA VAL A 58 12.10 11.74 -4.79
C VAL A 58 10.77 12.49 -4.69
N ALA A 59 10.41 12.90 -3.47
CA ALA A 59 9.19 13.63 -3.14
C ALA A 59 9.18 15.00 -3.83
N LEU A 60 8.06 15.35 -4.46
CA LEU A 60 8.03 16.47 -5.40
C LEU A 60 7.28 17.67 -4.85
N SER A 61 7.80 18.84 -5.21
CA SER A 61 7.22 20.11 -4.87
C SER A 61 5.90 20.34 -5.61
N TRP A 62 5.01 21.08 -4.95
CA TRP A 62 3.76 21.52 -5.55
C TRP A 62 3.97 22.47 -6.70
N ARG A 63 5.07 23.24 -6.65
CA ARG A 63 5.30 24.27 -7.64
C ARG A 63 5.54 23.67 -9.02
N LEU A 64 5.82 22.36 -9.08
CA LEU A 64 5.94 21.67 -10.36
C LEU A 64 4.60 21.58 -11.07
N PHE A 65 3.50 21.62 -10.29
CA PHE A 65 2.17 21.32 -10.78
C PHE A 65 1.27 22.54 -10.75
N PHE A 66 1.43 23.35 -9.68
CA PHE A 66 0.49 24.40 -9.34
C PHE A 66 1.23 25.70 -9.11
N ASP A 67 0.51 26.81 -9.31
CA ASP A 67 1.05 28.14 -9.02
C ASP A 67 0.84 28.47 -7.54
N LEU A 68 1.93 28.48 -6.74
CA LEU A 68 1.83 28.66 -5.29
C LEU A 68 1.26 30.02 -4.92
N GLU A 69 1.56 31.04 -5.71
CA GLU A 69 1.05 32.38 -5.43
C GLU A 69 -0.48 32.38 -5.49
N SER A 70 -1.09 31.65 -6.44
CA SER A 70 -2.54 31.51 -6.50
C SER A 70 -3.07 30.79 -5.26
N LEU A 71 -2.41 29.70 -4.82
CA LEU A 71 -2.93 28.96 -3.67
C LEU A 71 -2.94 29.84 -2.43
N ASN A 72 -1.87 30.66 -2.33
CA ASN A 72 -1.60 31.55 -1.22
CA ASN A 72 -1.59 31.57 -1.22
C ASN A 72 -2.66 32.65 -1.09
N ARG A 73 -3.43 32.89 -2.15
CA ARG A 73 -4.44 33.95 -2.09
C ARG A 73 -5.67 33.51 -1.31
N PHE A 74 -5.86 32.20 -1.11
CA PHE A 74 -7.00 31.71 -0.36
C PHE A 74 -6.63 31.59 1.11
N ILE A 75 -5.48 30.96 1.34
CA ILE A 75 -4.90 30.70 2.64
C ILE A 75 -3.39 30.82 2.49
N PRO A 76 -2.63 31.06 3.58
CA PRO A 76 -1.18 30.95 3.54
C PRO A 76 -0.71 29.51 3.42
N VAL A 77 0.24 29.26 2.51
CA VAL A 77 0.75 27.93 2.25
C VAL A 77 2.28 28.00 2.23
N ILE A 78 2.93 26.91 2.60
CA ILE A 78 4.35 26.75 2.43
C ILE A 78 4.61 25.32 1.95
N GLU A 79 5.72 25.14 1.24
CA GLU A 79 6.17 23.81 0.82
C GLU A 79 6.73 23.11 2.05
N PHE A 80 6.61 21.78 2.08
CA PHE A 80 7.15 20.99 3.17
C PHE A 80 8.63 21.28 3.37
N GLU A 81 9.39 21.32 2.27
CA GLU A 81 10.84 21.49 2.31
C GLU A 81 11.20 22.82 2.98
N ASP A 82 10.36 23.85 2.75
CA ASP A 82 10.54 25.16 3.36
C ASP A 82 10.18 25.12 4.84
N PHE A 83 9.17 24.33 5.21
CA PHE A 83 8.78 24.10 6.60
C PHE A 83 9.93 23.43 7.35
N LEU A 84 10.62 22.49 6.71
CA LEU A 84 11.74 21.82 7.35
C LEU A 84 12.90 22.78 7.63
N ASP A 85 13.07 23.79 6.79
CA ASP A 85 14.20 24.71 6.91
C ASP A 85 14.02 25.62 8.14
N GLU A 86 12.86 25.54 8.81
CA GLU A 86 12.59 26.31 10.00
C GLU A 86 12.93 25.51 11.26
N ASN A 87 13.41 24.27 11.12
CA ASN A 87 13.79 23.39 12.22
C ASN A 87 12.75 23.39 13.34
N ARG A 88 11.47 23.43 12.94
CA ARG A 88 10.32 23.27 13.82
C ARG A 88 9.94 21.79 13.91
N PRO A 89 9.92 21.17 15.10
CA PRO A 89 9.52 19.77 15.19
C PRO A 89 8.07 19.60 14.73
N ILE A 90 7.67 18.35 14.46
CA ILE A 90 6.27 18.01 14.40
C ILE A 90 5.81 17.57 15.79
N ASP A 91 4.90 18.36 16.36
CA ASP A 91 4.45 18.19 17.73
C ASP A 91 3.48 17.03 17.84
N GLN A 92 2.55 16.92 16.88
CA GLN A 92 1.47 15.97 17.00
C GLN A 92 1.13 15.41 15.63
N VAL A 93 0.92 14.09 15.59
CA VAL A 93 0.22 13.43 14.49
C VAL A 93 -1.15 13.01 15.01
N ILE A 94 -2.21 13.39 14.27
CA ILE A 94 -3.53 12.83 14.46
C ILE A 94 -3.91 11.99 13.24
N TYR A 95 -4.10 10.70 13.49
CA TYR A 95 -4.48 9.76 12.47
C TYR A 95 -6.00 9.57 12.51
N LEU A 96 -6.71 10.17 11.54
CA LEU A 96 -8.15 10.04 11.43
C LEU A 96 -8.55 8.62 11.04
N GLN A 97 -9.71 8.20 11.55
CA GLN A 97 -10.30 6.90 11.29
C GLN A 97 -11.82 7.03 11.44
N HIS A 98 -12.57 5.98 11.06
CA HIS A 98 -14.02 5.94 11.19
C HIS A 98 -14.35 5.52 12.62
N TYR A 99 -15.62 5.61 13.03
CA TYR A 99 -16.05 5.08 14.32
C TYR A 99 -16.22 3.57 14.21
N ALA A 100 -15.58 2.84 15.14
CA ALA A 100 -15.60 1.37 15.17
C ALA A 100 -17.05 0.86 15.21
N GLU A 101 -17.96 1.62 15.83
CA GLU A 101 -19.39 1.31 15.81
C GLU A 101 -19.95 1.39 14.39
N GLY A 102 -19.41 2.31 13.57
CA GLY A 102 -20.07 2.76 12.36
C GLY A 102 -21.22 3.72 12.69
N TRP A 103 -22.30 3.64 11.88
CA TRP A 103 -23.53 4.37 12.12
C TRP A 103 -24.63 3.80 11.21
N GLU A 106 -29.04 7.41 11.28
CA GLU A 106 -28.73 8.82 10.89
C GLU A 106 -27.23 9.07 11.09
N TYR A 107 -26.79 10.30 10.78
CA TYR A 107 -25.38 10.65 10.77
C TYR A 107 -25.15 11.97 11.52
N VAL A 108 -24.20 11.94 12.45
CA VAL A 108 -23.87 13.08 13.30
C VAL A 108 -22.40 13.47 13.06
N ARG A 109 -22.13 14.77 12.95
CA ARG A 109 -20.77 15.31 13.06
C ARG A 109 -20.25 15.10 14.49
N LYS A 110 -19.06 14.49 14.62
CA LYS A 110 -18.45 14.26 15.92
C LYS A 110 -17.04 13.71 15.75
N PHE A 111 -16.27 13.75 16.84
CA PHE A 111 -14.93 13.19 16.89
C PHE A 111 -14.60 12.74 18.32
N GLU A 112 -13.62 11.85 18.46
CA GLU A 112 -13.23 11.33 19.75
C GLU A 112 -11.91 10.57 19.64
N LYS A 113 -10.98 10.77 20.57
CA LYS A 113 -9.78 9.96 20.62
C LYS A 113 -10.17 8.52 20.93
N ARG A 114 -9.57 7.55 20.24
CA ARG A 114 -10.00 6.17 20.26
C ARG A 114 -8.81 5.28 19.97
N SER A 115 -8.94 4.01 20.34
CA SER A 115 -7.96 2.98 20.03
C SER A 115 -7.77 2.92 18.51
N CYS A 116 -6.54 2.60 18.09
CA CYS A 116 -6.16 2.70 16.69
C CYS A 116 -6.73 1.53 15.90
N LEU A 117 -7.53 1.84 14.88
CA LEU A 117 -8.04 0.82 13.98
C LEU A 117 -6.91 0.45 13.01
N PRO A 118 -6.99 -0.72 12.34
CA PRO A 118 -6.08 -1.04 11.25
C PRO A 118 -6.15 0.05 10.20
N PRO A 119 -5.04 0.42 9.52
CA PRO A 119 -3.70 -0.14 9.78
C PRO A 119 -2.74 0.81 10.48
N ALA A 120 -3.26 1.68 11.35
CA ALA A 120 -2.50 2.77 11.95
C ALA A 120 -1.20 2.28 12.60
N GLU A 121 -1.21 1.09 13.23
CA GLU A 121 -0.07 0.61 14.00
C GLU A 121 1.15 0.30 13.10
N SER A 122 0.88 -0.06 11.84
CA SER A 122 1.91 -0.32 10.86
C SER A 122 2.56 0.97 10.32
N HIS A 123 1.85 2.10 10.46
CA HIS A 123 2.24 3.34 9.78
C HIS A 123 3.04 4.26 10.69
N TYR A 124 2.88 4.11 12.01
CA TYR A 124 3.58 4.94 12.98
C TYR A 124 4.14 4.04 14.08
N LYS A 125 5.34 4.36 14.56
CA LYS A 125 6.02 3.49 15.51
C LYS A 125 6.75 4.37 16.52
N GLN A 126 6.42 4.18 17.80
CA GLN A 126 7.08 4.91 18.86
C GLN A 126 8.43 4.25 19.13
N VAL A 127 9.49 5.06 19.12
CA VAL A 127 10.83 4.55 19.36
C VAL A 127 11.36 5.07 20.70
N GLU A 128 10.88 6.26 21.12
CA GLU A 128 11.18 6.84 22.42
C GLU A 128 9.93 7.53 22.94
N GLU A 129 10.00 8.02 24.18
CA GLU A 129 8.84 8.62 24.82
C GLU A 129 8.22 9.67 23.89
N PHE A 130 9.02 10.58 23.36
CA PHE A 130 8.50 11.66 22.52
C PHE A 130 9.07 11.59 21.11
N LYS A 131 9.17 10.38 20.57
CA LYS A 131 9.66 10.20 19.22
C LYS A 131 8.88 9.07 18.55
N TRP A 132 8.09 9.48 17.55
CA TRP A 132 7.36 8.58 16.68
C TRP A 132 7.90 8.69 15.25
N LYS A 133 8.34 7.56 14.73
CA LYS A 133 8.68 7.39 13.33
C LYS A 133 7.42 7.13 12.51
N GLY A 134 7.51 7.49 11.24
CA GLY A 134 6.44 7.25 10.29
C GLY A 134 6.98 7.54 8.91
N TRP A 135 6.14 7.38 7.89
CA TRP A 135 6.59 7.60 6.52
C TRP A 135 7.15 9.01 6.34
N PHE A 136 6.37 9.99 6.83
CA PHE A 136 6.64 11.42 6.69
C PHE A 136 7.16 11.73 5.29
N TYR A 137 6.42 11.28 4.28
CA TYR A 137 6.63 11.64 2.90
C TYR A 137 7.97 11.15 2.39
N SER A 138 8.50 10.09 3.03
CA SER A 138 9.75 9.45 2.68
C SER A 138 10.97 10.13 3.30
N TYR A 139 10.81 11.20 4.09
CA TYR A 139 11.98 11.79 4.73
C TYR A 139 12.40 11.01 5.98
N GLU A 140 13.69 10.66 6.03
CA GLU A 140 14.25 9.78 7.05
C GLU A 140 14.28 10.41 8.46
N ASP A 141 14.77 11.64 8.59
CA ASP A 141 15.07 12.23 9.89
C ASP A 141 13.84 12.89 10.51
N VAL A 142 12.66 12.83 9.87
CA VAL A 142 11.50 13.49 10.41
C VAL A 142 10.78 12.59 11.40
N TYR A 143 10.36 13.16 12.54
CA TYR A 143 9.64 12.39 13.55
C TYR A 143 8.58 13.33 14.17
N SER A 144 7.67 12.73 14.93
CA SER A 144 6.65 13.44 15.67
C SER A 144 6.88 13.20 17.16
N ARG A 145 6.59 14.22 17.98
CA ARG A 145 6.70 14.09 19.43
C ARG A 145 5.54 13.27 20.00
N ASN A 146 4.38 13.32 19.33
CA ASN A 146 3.17 12.65 19.79
C ASN A 146 2.40 12.06 18.61
N PHE A 147 1.60 11.04 18.92
CA PHE A 147 0.76 10.34 17.98
C PHE A 147 -0.52 9.85 18.66
N GLN A 148 -1.66 9.99 17.98
CA GLN A 148 -2.88 9.33 18.40
C GLN A 148 -3.84 9.19 17.22
N CYS A 149 -4.81 8.26 17.38
CA CYS A 149 -5.94 8.11 16.48
C CYS A 149 -7.18 8.84 17.01
N VAL A 150 -7.92 9.45 16.07
CA VAL A 150 -9.19 10.09 16.37
C VAL A 150 -10.24 9.59 15.37
N SER A 151 -11.27 8.89 15.91
CA SER A 151 -12.48 8.62 15.15
C SER A 151 -13.21 9.93 14.88
N ILE A 152 -13.60 10.11 13.61
CA ILE A 152 -14.22 11.34 13.19
C ILE A 152 -15.24 11.03 12.10
N GLN A 153 -16.33 11.78 12.18
CA GLN A 153 -17.43 11.81 11.21
C GLN A 153 -17.72 13.28 11.04
N GLY A 154 -17.41 13.86 9.88
CA GLY A 154 -17.65 15.27 9.69
C GLY A 154 -16.88 15.84 8.51
N ASP A 155 -16.67 17.15 8.57
CA ASP A 155 -16.18 17.95 7.47
C ASP A 155 -15.06 18.86 7.96
N SER A 156 -14.68 19.82 7.13
CA SER A 156 -13.65 20.81 7.42
C SER A 156 -13.87 21.53 8.75
N GLY A 157 -15.16 21.79 9.06
CA GLY A 157 -15.57 22.42 10.30
C GLY A 157 -15.28 21.53 11.50
N THR A 158 -15.69 20.27 11.43
CA THR A 158 -15.37 19.29 12.46
C THR A 158 -13.86 19.20 12.68
N LEU A 159 -13.07 19.27 11.59
CA LEU A 159 -11.64 19.09 11.75
C LEU A 159 -11.06 20.35 12.39
N LYS A 160 -11.61 21.52 12.04
CA LYS A 160 -11.23 22.76 12.66
C LYS A 160 -11.40 22.63 14.19
N ASP A 161 -12.55 22.06 14.59
CA ASP A 161 -12.92 21.91 16.00
C ASP A 161 -11.93 20.97 16.67
N LEU A 162 -11.66 19.82 16.03
CA LEU A 162 -10.67 18.90 16.56
C LEU A 162 -9.33 19.61 16.80
N LEU A 163 -8.92 20.49 15.87
CA LEU A 163 -7.59 21.03 15.93
C LEU A 163 -7.48 22.10 17.02
N LYS A 164 -8.63 22.72 17.36
CA LYS A 164 -8.69 23.74 18.39
C LYS A 164 -8.95 23.15 19.78
N HIS A 165 -9.13 21.84 19.88
CA HIS A 165 -9.30 21.18 21.16
C HIS A 165 -8.04 21.41 22.00
N SER A 166 -8.28 21.48 23.32
CA SER A 166 -7.26 21.98 24.25
C SER A 166 -6.08 21.03 24.35
N ASN A 167 -6.32 19.73 24.11
CA ASN A 167 -5.26 18.73 24.07
C ASN A 167 -4.10 19.11 23.16
N PHE A 168 -4.29 20.03 22.19
CA PHE A 168 -3.27 20.34 21.18
C PHE A 168 -2.78 21.78 21.27
N SER A 169 -3.19 22.51 22.31
CA SER A 169 -2.97 23.95 22.34
C SER A 169 -1.49 24.29 22.47
N GLU A 170 -0.67 23.35 22.98
CA GLU A 170 0.77 23.57 23.06
C GLU A 170 1.50 23.18 21.76
N SER A 171 0.82 22.52 20.81
CA SER A 171 1.43 22.12 19.54
C SER A 171 1.41 23.28 18.54
N THR A 172 2.59 23.62 18.01
CA THR A 172 2.72 24.54 16.90
C THR A 172 2.55 23.85 15.55
N SER A 173 2.95 22.58 15.47
CA SER A 173 2.92 21.81 14.23
C SER A 173 2.16 20.50 14.41
N ILE A 174 1.02 20.39 13.71
CA ILE A 174 0.14 19.23 13.78
C ILE A 174 0.02 18.63 12.39
N MET A 175 0.20 17.31 12.30
CA MET A 175 0.00 16.60 11.06
C MET A 175 -1.25 15.73 11.17
N VAL A 176 -2.15 15.92 10.21
CA VAL A 176 -3.38 15.15 10.15
C VAL A 176 -3.26 14.13 9.04
N ASP A 177 -3.18 12.86 9.42
CA ASP A 177 -3.09 11.79 8.47
C ASP A 177 -4.51 11.26 8.24
N ARG A 178 -4.69 10.56 7.10
CA ARG A 178 -5.97 10.08 6.62
C ARG A 178 -6.97 11.23 6.52
N ALA A 179 -6.50 12.34 5.93
CA ALA A 179 -7.29 13.53 5.73
C ALA A 179 -8.51 13.29 4.82
N GLU A 180 -8.48 12.25 3.98
CA GLU A 180 -9.62 11.98 3.10
C GLU A 180 -10.84 11.49 3.90
N THR A 181 -10.64 11.19 5.19
CA THR A 181 -11.72 10.79 6.10
C THR A 181 -12.74 11.91 6.29
N ILE A 182 -12.33 13.17 6.22
CA ILE A 182 -13.27 14.27 6.34
C ILE A 182 -13.89 14.61 4.98
N LEU A 183 -15.13 15.09 5.06
CA LEU A 183 -15.91 15.50 3.91
C LEU A 183 -15.78 17.01 3.76
N HIS A 184 -16.25 17.53 2.62
CA HIS A 184 -16.38 18.95 2.41
C HIS A 184 -17.53 19.50 3.26
N GLU A 185 -17.35 20.69 3.81
CA GLU A 185 -18.44 21.47 4.37
C GLU A 185 -19.01 22.33 3.25
N HIS A 186 -20.33 22.31 3.08
CA HIS A 186 -20.97 23.11 2.05
C HIS A 186 -20.40 22.75 0.67
N TYR A 187 -20.54 21.46 0.33
CA TYR A 187 -20.12 20.92 -0.95
C TYR A 187 -20.73 21.72 -2.08
N GLY A 188 -19.90 22.22 -3.00
CA GLY A 188 -20.37 22.88 -4.21
C GLY A 188 -20.73 24.35 -4.00
N GLU A 189 -20.42 24.94 -2.83
CA GLU A 189 -20.77 26.33 -2.57
C GLU A 189 -19.52 27.22 -2.67
N VAL A 190 -19.63 28.45 -2.19
CA VAL A 190 -18.65 29.49 -2.42
C VAL A 190 -17.22 29.08 -2.02
N ASP A 191 -17.03 28.54 -0.80
CA ASP A 191 -15.69 28.34 -0.27
C ASP A 191 -15.06 27.11 -0.92
N TYR A 192 -15.87 26.10 -1.21
CA TYR A 192 -15.49 24.97 -2.04
C TYR A 192 -14.86 25.46 -3.35
N TRP A 193 -15.53 26.42 -4.00
CA TRP A 193 -15.14 26.89 -5.32
C TRP A 193 -13.96 27.84 -5.22
N LYS A 194 -13.87 28.60 -4.14
CA LYS A 194 -12.69 29.43 -3.92
C LYS A 194 -11.44 28.56 -3.80
N ALA A 195 -11.55 27.47 -3.03
CA ALA A 195 -10.44 26.55 -2.85
C ALA A 195 -10.03 25.97 -4.23
N ARG A 196 -11.01 25.60 -5.03
CA ARG A 196 -10.80 25.02 -6.34
C ARG A 196 -10.19 26.04 -7.31
N ARG A 197 -10.73 27.27 -7.27
CA ARG A 197 -10.29 28.33 -8.17
C ARG A 197 -8.85 28.71 -7.87
N SER A 198 -8.42 28.47 -6.62
CA SER A 198 -7.08 28.83 -6.18
C SER A 198 -6.04 27.90 -6.80
N MET A 199 -6.48 26.73 -7.24
CA MET A 199 -5.55 25.70 -7.67
C MET A 199 -5.19 25.90 -9.13
N ARG A 200 -4.61 27.08 -9.43
CA ARG A 200 -4.13 27.39 -10.76
C ARG A 200 -2.93 26.51 -11.07
N TYR A 201 -2.83 26.07 -12.32
CA TYR A 201 -1.72 25.23 -12.72
C TYR A 201 -0.45 26.05 -12.87
N SER A 202 0.71 25.40 -12.70
CA SER A 202 2.00 25.99 -13.01
C SER A 202 1.95 26.70 -14.36
N ASN A 203 2.51 27.92 -14.41
CA ASN A 203 2.57 28.72 -15.62
C ASN A 203 3.39 28.01 -16.68
N ASP A 204 4.41 27.25 -16.28
CA ASP A 204 5.23 26.53 -17.24
C ASP A 204 4.41 25.46 -17.97
N LEU A 205 3.53 24.76 -17.24
CA LEU A 205 2.61 23.81 -17.85
C LEU A 205 1.58 24.51 -18.75
N VAL A 206 1.07 25.66 -18.30
CA VAL A 206 0.12 26.42 -19.09
C VAL A 206 0.76 26.86 -20.42
N ASP A 207 2.02 27.32 -20.38
CA ASP A 207 2.73 27.78 -21.56
C ASP A 207 2.90 26.64 -22.56
N VAL A 208 3.32 25.48 -22.04
CA VAL A 208 3.48 24.29 -22.87
C VAL A 208 2.14 23.94 -23.53
N ALA A 209 1.05 23.96 -22.76
CA ALA A 209 -0.25 23.57 -23.28
C ALA A 209 -0.71 24.57 -24.34
N ASP A 210 -0.46 25.85 -24.09
CA ASP A 210 -0.88 26.92 -24.98
C ASP A 210 -0.12 26.88 -26.29
N ALA A 211 1.18 26.53 -26.25
CA ALA A 211 1.92 26.35 -27.49
C ALA A 211 1.33 25.19 -28.30
N PHE A 212 0.90 24.12 -27.62
CA PHE A 212 0.27 22.98 -28.28
C PHE A 212 -1.08 23.35 -28.90
N ARG A 213 -1.89 24.10 -28.14
CA ARG A 213 -3.17 24.58 -28.64
C ARG A 213 -2.99 25.37 -29.93
N LYS A 214 -2.02 26.29 -29.92
CA LYS A 214 -1.78 27.18 -31.05
C LYS A 214 -1.24 26.43 -32.27
N LYS A 215 -0.37 25.45 -32.05
CA LYS A 215 0.25 24.73 -33.16
C LYS A 215 -0.71 23.71 -33.77
N TYR A 216 -1.38 22.90 -32.93
CA TYR A 216 -2.13 21.78 -33.45
C TYR A 216 -3.64 22.00 -33.48
N LEU A 217 -4.17 22.82 -32.58
CA LEU A 217 -5.61 22.76 -32.31
C LEU A 217 -6.31 24.05 -32.73
N ASP A 218 -5.56 24.95 -33.36
CA ASP A 218 -6.12 26.17 -33.96
C ASP A 218 -6.81 26.97 -32.87
N SER A 219 -6.15 27.09 -31.70
CA SER A 219 -6.81 27.46 -30.46
C SER A 219 -5.92 28.40 -29.66
N ASP A 220 -6.51 29.44 -29.09
CA ASP A 220 -5.80 30.37 -28.23
C ASP A 220 -6.88 31.15 -27.47
N ASP A 221 -6.48 31.83 -26.39
CA ASP A 221 -7.42 32.31 -25.42
C ASP A 221 -8.30 33.41 -26.01
N LYS A 222 -7.73 34.21 -26.92
CA LYS A 222 -8.40 35.34 -27.56
C LYS A 222 -9.56 34.82 -28.42
N ARG A 223 -9.27 33.92 -29.38
CA ARG A 223 -10.29 33.39 -30.26
C ARG A 223 -11.22 32.42 -29.52
N ASP A 224 -10.75 31.81 -28.43
CA ASP A 224 -11.56 30.83 -27.72
C ASP A 224 -12.46 31.51 -26.69
N LYS A 225 -12.15 32.76 -26.33
CA LYS A 225 -12.88 33.50 -25.29
C LYS A 225 -12.68 32.77 -23.96
N THR A 226 -11.44 32.35 -23.71
CA THR A 226 -11.11 31.63 -22.50
C THR A 226 -9.94 32.31 -21.81
N LYS A 227 -9.82 33.63 -22.01
CA LYS A 227 -8.87 34.43 -21.23
C LYS A 227 -9.34 34.40 -19.78
N LEU A 228 -8.41 34.05 -18.85
CA LEU A 228 -8.62 34.22 -17.43
C LEU A 228 -7.68 35.33 -16.93
N VAL A 229 -8.17 36.14 -15.99
CA VAL A 229 -7.32 37.10 -15.28
C VAL A 229 -6.25 36.35 -14.48
N ASP A 230 -5.08 36.99 -14.33
CA ASP A 230 -3.95 36.42 -13.61
C ASP A 230 -4.32 36.11 -12.16
N ASP A 231 -5.02 37.05 -11.50
CA ASP A 231 -5.44 36.89 -10.11
C ASP A 231 -6.84 36.27 -10.07
N TRP A 232 -6.95 35.03 -9.59
CA TRP A 232 -8.19 34.28 -9.65
C TRP A 232 -9.26 34.92 -8.77
N THR A 233 -8.87 35.71 -7.74
CA THR A 233 -9.84 36.32 -6.84
C THR A 233 -10.64 37.42 -7.56
N LYS A 234 -10.19 37.85 -8.74
CA LYS A 234 -10.89 38.83 -9.55
C LYS A 234 -11.76 38.17 -10.63
N GLU A 235 -11.81 36.83 -10.69
CA GLU A 235 -12.68 36.13 -11.62
C GLU A 235 -14.13 36.51 -11.35
N LYS A 236 -14.89 36.81 -12.41
CA LYS A 236 -16.31 37.08 -12.29
C LYS A 236 -17.07 35.96 -13.01
N PRO A 237 -18.33 35.65 -12.62
CA PRO A 237 -19.11 34.63 -13.33
C PRO A 237 -19.35 35.07 -14.78
N ARG A 238 -19.28 34.10 -15.68
CA ARG A 238 -19.53 34.34 -17.09
C ARG A 238 -19.66 32.96 -17.72
N ARG A 239 -20.50 32.85 -18.75
CA ARG A 239 -20.60 31.64 -19.53
C ARG A 239 -20.40 31.95 -21.01
N THR A 240 -19.34 32.74 -21.24
CA THR A 240 -19.03 33.28 -22.56
C THR A 240 -17.90 32.50 -23.25
N ALA A 241 -17.39 31.42 -22.65
CA ALA A 241 -16.28 30.71 -23.26
C ALA A 241 -16.81 29.87 -24.42
N ILE A 242 -16.10 29.86 -25.56
CA ILE A 242 -16.48 29.00 -26.69
C ILE A 242 -15.46 27.88 -26.90
N GLY A 243 -14.19 28.11 -26.55
CA GLY A 243 -13.20 27.06 -26.64
C GLY A 243 -12.60 26.98 -28.04
N GLY A 244 -11.66 26.06 -28.20
CA GLY A 244 -10.99 25.85 -29.47
C GLY A 244 -11.82 24.93 -30.35
N PRO A 245 -11.54 24.88 -31.66
CA PRO A 245 -12.31 24.04 -32.57
C PRO A 245 -11.92 22.57 -32.45
N TYR A 246 -12.15 22.00 -31.26
CA TYR A 246 -11.87 20.60 -31.00
C TYR A 246 -12.78 20.04 -29.89
N LEU A 247 -12.99 18.74 -29.99
CA LEU A 247 -13.69 17.90 -29.03
C LEU A 247 -12.64 17.33 -28.07
N GLY A 248 -12.87 17.54 -26.76
CA GLY A 248 -12.01 17.00 -25.73
C GLY A 248 -12.62 15.72 -25.15
N ILE A 249 -11.83 14.64 -25.10
CA ILE A 249 -12.28 13.38 -24.53
C ILE A 249 -11.23 12.84 -23.55
N HIS A 250 -11.72 12.48 -22.37
CA HIS A 250 -10.96 11.73 -21.41
C HIS A 250 -11.37 10.27 -21.50
N TRP A 251 -10.45 9.44 -21.96
CA TRP A 251 -10.76 8.05 -22.29
C TRP A 251 -10.04 7.10 -21.35
N ARG A 252 -10.78 6.64 -20.34
CA ARG A 252 -10.33 5.64 -19.39
C ARG A 252 -10.57 4.25 -19.97
N ARG A 253 -9.59 3.35 -19.80
CA ARG A 253 -9.77 1.96 -20.21
CA ARG A 253 -9.78 1.96 -20.21
C ARG A 253 -9.99 1.06 -18.99
N ARG A 254 -9.23 1.28 -17.90
CA ARG A 254 -9.41 0.48 -16.70
C ARG A 254 -10.54 1.12 -15.89
N ASP A 255 -11.43 0.26 -15.40
CA ASP A 255 -12.56 0.63 -14.56
C ASP A 255 -12.15 0.48 -13.09
N PHE A 256 -11.83 1.60 -12.43
CA PHE A 256 -11.31 1.56 -11.07
C PHE A 256 -12.42 1.22 -10.06
N LEU A 257 -13.67 1.10 -10.53
CA LEU A 257 -14.77 0.68 -9.69
C LEU A 257 -14.97 -0.84 -9.84
N TYR A 258 -14.25 -1.46 -10.78
CA TYR A 258 -14.35 -2.89 -11.07
C TYR A 258 -15.82 -3.33 -11.08
N ALA A 259 -16.68 -2.60 -11.81
CA ALA A 259 -18.12 -2.78 -11.71
C ALA A 259 -18.52 -4.08 -12.41
N LYS A 260 -19.68 -4.63 -12.06
CA LYS A 260 -20.14 -5.89 -12.66
C LYS A 260 -20.55 -5.63 -14.12
N LYS A 261 -21.28 -4.53 -14.36
CA LYS A 261 -21.70 -4.12 -15.70
C LYS A 261 -20.77 -3.02 -16.19
N ALA A 262 -20.42 -3.06 -17.47
CA ALA A 262 -19.46 -2.14 -18.07
C ALA A 262 -19.98 -0.70 -17.96
N GLN A 263 -19.07 0.21 -17.60
CA GLN A 263 -19.38 1.62 -17.46
C GLN A 263 -18.63 2.48 -18.48
N LEU A 264 -17.76 1.83 -19.25
CA LEU A 264 -16.89 2.47 -20.22
C LEU A 264 -17.28 1.89 -21.58
N PRO A 265 -17.17 2.68 -22.65
CA PRO A 265 -17.36 2.16 -24.00
C PRO A 265 -16.21 1.25 -24.42
N THR A 266 -16.46 0.39 -25.42
CA THR A 266 -15.43 -0.36 -26.11
C THR A 266 -14.70 0.58 -27.04
N ILE A 267 -13.66 0.08 -27.74
CA ILE A 267 -12.98 0.91 -28.73
C ILE A 267 -13.94 1.25 -29.88
N PRO A 268 -14.67 0.28 -30.50
CA PRO A 268 -15.64 0.64 -31.55
C PRO A 268 -16.73 1.59 -31.02
N GLY A 269 -17.21 1.32 -29.81
CA GLY A 269 -18.16 2.18 -29.12
C GLY A 269 -17.71 3.63 -29.04
N THR A 270 -16.41 3.84 -28.74
CA THR A 270 -15.82 5.16 -28.61
C THR A 270 -15.74 5.85 -29.98
N ALA A 271 -15.37 5.07 -31.00
CA ALA A 271 -15.28 5.58 -32.37
C ALA A 271 -16.65 6.13 -32.80
N LYS A 272 -17.72 5.37 -32.52
CA LYS A 272 -19.06 5.79 -32.89
C LYS A 272 -19.41 7.11 -32.18
N ILE A 273 -19.20 7.17 -30.86
CA ILE A 273 -19.49 8.34 -30.05
C ILE A 273 -18.75 9.54 -30.61
N LEU A 274 -17.44 9.40 -30.86
CA LEU A 274 -16.65 10.54 -31.33
C LEU A 274 -17.13 11.01 -32.70
N GLN A 275 -17.45 10.06 -33.57
CA GLN A 275 -17.89 10.40 -34.92
C GLN A 275 -19.23 11.14 -34.86
N ASP A 276 -20.19 10.58 -34.10
CA ASP A 276 -21.50 11.18 -33.96
C ASP A 276 -21.37 12.58 -33.38
N LEU A 277 -20.58 12.76 -32.31
CA LEU A 277 -20.43 14.08 -31.72
C LEU A 277 -19.77 15.06 -32.68
N CYS A 278 -18.76 14.60 -33.41
CA CYS A 278 -18.05 15.47 -34.35
C CYS A 278 -18.99 15.97 -35.46
N LYS A 279 -19.87 15.09 -35.97
CA LYS A 279 -20.90 15.49 -36.93
C LYS A 279 -21.91 16.46 -36.29
N LYS A 280 -22.46 16.13 -35.11
CA LYS A 280 -23.45 16.97 -34.43
C LYS A 280 -22.90 18.38 -34.14
N LEU A 281 -21.60 18.49 -33.88
CA LEU A 281 -20.99 19.74 -33.44
C LEU A 281 -20.15 20.39 -34.54
N ASP A 282 -20.01 19.70 -35.68
CA ASP A 282 -19.18 20.14 -36.79
C ASP A 282 -17.73 20.41 -36.36
N LEU A 283 -17.10 19.41 -35.80
CA LEU A 283 -15.71 19.55 -35.37
C LEU A 283 -14.92 18.45 -36.08
N GLN A 284 -13.67 18.75 -36.46
CA GLN A 284 -12.83 17.76 -37.13
C GLN A 284 -11.63 17.37 -36.26
N LYS A 285 -11.34 18.11 -35.18
CA LYS A 285 -10.19 17.84 -34.32
C LYS A 285 -10.66 17.22 -33.01
N ILE A 286 -9.95 16.18 -32.55
CA ILE A 286 -10.19 15.57 -31.26
C ILE A 286 -8.89 15.63 -30.46
N TYR A 287 -8.97 16.17 -29.24
CA TYR A 287 -7.90 16.05 -28.27
C TYR A 287 -8.24 14.88 -27.35
N LEU A 288 -7.38 13.84 -27.40
CA LEU A 288 -7.58 12.62 -26.67
C LEU A 288 -6.66 12.59 -25.45
N ALA A 289 -7.26 12.57 -24.25
CA ALA A 289 -6.52 12.34 -23.01
C ALA A 289 -6.79 10.91 -22.56
N THR A 290 -5.73 10.09 -22.59
CA THR A 290 -5.84 8.70 -22.24
C THR A 290 -4.46 8.21 -21.81
N ASP A 291 -4.45 7.14 -21.00
CA ASP A 291 -3.23 6.37 -20.76
C ASP A 291 -3.31 5.01 -21.48
N ALA A 292 -4.34 4.83 -22.34
CA ALA A 292 -4.53 3.58 -23.05
C ALA A 292 -3.24 3.21 -23.77
N PRO A 293 -2.90 1.91 -23.86
CA PRO A 293 -1.71 1.49 -24.61
C PRO A 293 -1.82 1.86 -26.10
N ASP A 294 -0.65 1.99 -26.75
CA ASP A 294 -0.55 2.59 -28.07
C ASP A 294 -1.37 1.86 -29.13
N GLN A 295 -1.51 0.53 -28.99
CA GLN A 295 -2.23 -0.28 -29.97
C GLN A 295 -3.73 -0.01 -29.87
N GLU A 296 -4.25 0.35 -28.69
CA GLU A 296 -5.66 0.64 -28.53
C GLU A 296 -5.98 2.00 -29.12
N VAL A 297 -5.03 2.93 -29.01
CA VAL A 297 -5.19 4.27 -29.53
C VAL A 297 -5.15 4.24 -31.06
N ASP A 298 -4.22 3.42 -31.60
CA ASP A 298 -4.04 3.26 -33.05
C ASP A 298 -5.29 2.61 -33.64
N GLU A 299 -5.83 1.62 -32.93
CA GLU A 299 -7.07 1.01 -33.34
C GLU A 299 -8.18 2.05 -33.38
N LEU A 300 -8.27 2.90 -32.35
CA LEU A 300 -9.34 3.90 -32.29
C LEU A 300 -9.20 4.86 -33.46
N LYS A 301 -7.97 5.32 -33.72
CA LYS A 301 -7.69 6.21 -34.84
C LYS A 301 -8.09 5.58 -36.17
N ALA A 302 -7.78 4.29 -36.35
CA ALA A 302 -8.06 3.59 -37.60
C ALA A 302 -9.56 3.51 -37.84
N LEU A 303 -10.36 3.47 -36.76
CA LEU A 303 -11.80 3.34 -36.90
C LEU A 303 -12.47 4.67 -37.21
N LEU A 304 -11.76 5.80 -37.04
CA LEU A 304 -12.39 7.09 -37.22
C LEU A 304 -12.34 7.48 -38.69
N ASN A 305 -13.39 8.17 -39.17
CA ASN A 305 -13.41 8.74 -40.51
C ASN A 305 -12.14 9.53 -40.76
N GLY A 306 -11.71 9.53 -42.03
CA GLY A 306 -10.44 10.11 -42.42
C GLY A 306 -10.39 11.63 -42.26
N GLU A 307 -11.54 12.31 -42.17
CA GLU A 307 -11.51 13.75 -41.99
C GLU A 307 -11.25 14.13 -40.53
N LEU A 308 -11.45 13.21 -39.57
CA LEU A 308 -11.18 13.51 -38.16
C LEU A 308 -9.70 13.33 -37.88
N GLU A 309 -9.14 14.26 -37.11
CA GLU A 309 -7.77 14.17 -36.62
C GLU A 309 -7.77 14.13 -35.10
N VAL A 310 -7.08 13.12 -34.56
CA VAL A 310 -6.86 12.94 -33.14
C VAL A 310 -5.46 13.45 -32.78
N TYR A 311 -5.42 14.24 -31.70
CA TYR A 311 -4.19 14.77 -31.15
C TYR A 311 -4.01 14.31 -29.71
N ARG A 312 -2.74 14.17 -29.32
CA ARG A 312 -2.32 13.87 -27.96
C ARG A 312 -1.04 14.63 -27.68
N PHE A 313 -0.89 15.16 -26.48
CA PHE A 313 0.39 15.71 -26.06
C PHE A 313 1.34 14.53 -25.83
N THR A 314 2.47 14.50 -26.56
CA THR A 314 3.43 13.39 -26.45
C THR A 314 4.88 13.86 -26.29
N ASP A 315 5.07 15.15 -26.01
CA ASP A 315 6.39 15.74 -25.82
C ASP A 315 6.73 15.64 -24.33
N THR A 316 7.09 14.42 -23.88
CA THR A 316 6.90 14.04 -22.50
C THR A 316 8.21 13.82 -21.75
N GLN A 317 9.36 14.03 -22.42
CA GLN A 317 10.57 13.33 -22.00
C GLN A 317 11.46 14.25 -21.16
N LYS A 318 10.93 15.42 -20.78
CA LYS A 318 11.49 16.20 -19.67
C LYS A 318 10.39 16.68 -18.71
N LEU A 319 9.23 16.00 -18.73
CA LEU A 319 8.12 16.28 -17.83
C LEU A 319 7.79 14.99 -17.09
N ASN A 320 7.47 15.08 -15.81
CA ASN A 320 7.00 13.91 -15.09
C ASN A 320 5.54 13.68 -15.48
N ASP A 321 4.95 12.62 -14.93
CA ASP A 321 3.66 12.11 -15.36
C ASP A 321 2.52 13.00 -14.86
N GLY A 322 2.69 13.59 -13.68
CA GLY A 322 1.69 14.50 -13.11
C GLY A 322 1.56 15.78 -13.93
N GLN A 323 2.69 16.27 -14.46
CA GLN A 323 2.72 17.45 -15.31
C GLN A 323 2.01 17.15 -16.63
N ILE A 324 2.25 15.97 -17.17
CA ILE A 324 1.56 15.55 -18.40
C ILE A 324 0.05 15.44 -18.17
N ALA A 325 -0.37 14.83 -17.05
CA ALA A 325 -1.77 14.70 -16.72
C ALA A 325 -2.41 16.09 -16.62
N ILE A 326 -1.72 17.05 -16.02
CA ILE A 326 -2.25 18.41 -15.91
C ILE A 326 -2.40 19.06 -17.27
N ILE A 327 -1.41 18.82 -18.14
CA ILE A 327 -1.46 19.35 -19.49
C ILE A 327 -2.63 18.72 -20.24
N ASP A 328 -2.80 17.41 -20.10
CA ASP A 328 -3.94 16.74 -20.69
C ASP A 328 -5.25 17.38 -20.22
N GLN A 329 -5.34 17.65 -18.91
CA GLN A 329 -6.57 18.17 -18.33
C GLN A 329 -6.85 19.58 -18.84
N TYR A 330 -5.80 20.41 -18.88
CA TYR A 330 -5.92 21.76 -19.39
C TYR A 330 -6.31 21.76 -20.87
N LEU A 331 -5.79 20.81 -21.65
CA LEU A 331 -6.13 20.79 -23.06
C LEU A 331 -7.60 20.39 -23.21
N CYS A 332 -8.07 19.38 -22.45
CA CYS A 332 -9.46 18.99 -22.49
C CYS A 332 -10.38 20.14 -22.04
N ALA A 333 -9.90 20.95 -21.08
CA ALA A 333 -10.72 21.98 -20.49
C ALA A 333 -10.93 23.15 -21.46
N HIS A 334 -10.13 23.23 -22.53
CA HIS A 334 -10.22 24.33 -23.48
C HIS A 334 -10.92 23.89 -24.76
N ALA A 335 -11.44 22.66 -24.80
CA ALA A 335 -12.23 22.16 -25.92
C ALA A 335 -13.57 22.89 -25.99
N ALA A 336 -14.17 22.93 -27.19
CA ALA A 336 -15.52 23.44 -27.39
C ALA A 336 -16.52 22.55 -26.67
N TYR A 337 -16.20 21.26 -26.64
CA TYR A 337 -17.07 20.25 -26.05
C TYR A 337 -16.18 19.22 -25.40
N PHE A 338 -16.56 18.78 -24.19
CA PHE A 338 -15.82 17.83 -23.40
C PHE A 338 -16.74 16.65 -23.08
N ILE A 339 -16.17 15.45 -23.16
CA ILE A 339 -16.84 14.25 -22.70
C ILE A 339 -15.82 13.39 -21.95
N GLY A 340 -16.21 12.89 -20.76
CA GLY A 340 -15.26 12.25 -19.86
C GLY A 340 -15.68 10.86 -19.48
N SER A 341 -14.99 10.25 -18.49
CA SER A 341 -15.26 8.86 -18.12
C SER A 341 -16.00 8.78 -16.78
N TYR A 342 -16.80 7.72 -16.63
CA TYR A 342 -17.69 7.54 -15.48
C TYR A 342 -16.92 7.63 -14.16
N GLU A 343 -17.35 8.54 -13.27
CA GLU A 343 -16.92 8.59 -11.88
C GLU A 343 -15.41 8.85 -11.78
N SER A 344 -14.78 9.32 -12.86
CA SER A 344 -13.35 9.54 -12.87
C SER A 344 -13.01 10.88 -12.23
N THR A 345 -12.09 10.90 -11.26
CA THR A 345 -11.69 12.16 -10.63
C THR A 345 -10.91 13.06 -11.58
N PHE A 346 -10.21 12.45 -12.55
CA PHE A 346 -9.52 13.20 -13.59
C PHE A 346 -10.52 14.02 -14.40
N THR A 347 -11.61 13.34 -14.81
CA THR A 347 -12.73 13.99 -15.49
C THR A 347 -13.34 15.09 -14.62
N PHE A 348 -13.56 14.81 -13.34
CA PHE A 348 -14.22 15.78 -12.46
C PHE A 348 -13.42 17.05 -12.34
N ARG A 349 -12.09 16.92 -12.31
CA ARG A 349 -11.24 18.09 -12.27
C ARG A 349 -11.33 18.88 -13.56
N ILE A 350 -11.49 18.21 -14.71
CA ILE A 350 -11.67 18.91 -15.97
C ILE A 350 -12.99 19.67 -15.94
N GLN A 351 -14.05 19.03 -15.45
CA GLN A 351 -15.36 19.67 -15.39
C GLN A 351 -15.25 20.96 -14.58
N GLU A 352 -14.49 20.90 -13.48
CA GLU A 352 -14.33 22.06 -12.62
C GLU A 352 -13.54 23.14 -13.34
N ASP A 353 -12.49 22.72 -14.08
CA ASP A 353 -11.70 23.65 -14.90
C ASP A 353 -12.60 24.41 -15.87
N ARG A 354 -13.52 23.69 -16.54
CA ARG A 354 -14.37 24.29 -17.56
C ARG A 354 -15.37 25.26 -16.92
N GLU A 355 -15.91 24.89 -15.75
CA GLU A 355 -16.73 25.80 -14.94
C GLU A 355 -16.00 27.11 -14.66
N ILE A 356 -14.72 27.05 -14.28
CA ILE A 356 -13.94 28.24 -14.00
C ILE A 356 -13.70 29.05 -15.27
N ILE A 357 -13.44 28.36 -16.38
CA ILE A 357 -13.13 29.06 -17.62
C ILE A 357 -14.40 29.75 -18.12
N GLY A 358 -15.56 29.13 -17.87
CA GLY A 358 -16.85 29.75 -18.12
C GLY A 358 -17.52 29.19 -19.38
N PHE A 359 -17.54 27.85 -19.50
CA PHE A 359 -18.22 27.17 -20.59
C PHE A 359 -19.66 26.88 -20.22
N PRO A 360 -20.60 26.88 -21.19
CA PRO A 360 -21.97 26.42 -20.95
C PRO A 360 -21.96 24.99 -20.41
N ILE A 361 -22.86 24.68 -19.46
CA ILE A 361 -22.79 23.43 -18.73
C ILE A 361 -22.98 22.25 -19.67
N SER A 362 -23.76 22.42 -20.74
CA SER A 362 -24.04 21.39 -21.74
C SER A 362 -22.76 20.85 -22.39
N THR A 363 -21.75 21.70 -22.50
CA THR A 363 -20.51 21.31 -23.16
C THR A 363 -19.58 20.58 -22.19
N THR A 364 -19.95 20.45 -20.90
CA THR A 364 -19.01 20.07 -19.87
C THR A 364 -19.39 18.75 -19.21
N PHE A 365 -20.64 18.66 -18.73
CA PHE A 365 -21.06 17.55 -17.87
C PHE A 365 -21.53 16.36 -18.71
N ASN A 366 -20.59 15.77 -19.46
CA ASN A 366 -20.90 14.71 -20.41
C ASN A 366 -20.00 13.51 -20.10
N ARG A 367 -20.60 12.32 -20.10
CA ARG A 367 -19.90 11.10 -19.80
C ARG A 367 -20.10 10.10 -20.95
N LEU A 368 -19.03 9.39 -21.31
CA LEU A 368 -19.04 8.31 -22.28
C LEU A 368 -19.89 7.15 -21.79
N CYS A 369 -20.84 6.75 -22.65
CA CYS A 369 -21.75 5.65 -22.32
C CYS A 369 -21.14 4.32 -22.75
N PRO A 370 -21.41 3.22 -22.01
CA PRO A 370 -21.01 1.89 -22.44
C PRO A 370 -21.88 1.44 -23.61
N ASP A 371 -21.43 0.43 -24.34
CA ASP A 371 -22.04 -0.03 -25.58
C ASP A 371 -23.48 -0.50 -25.34
N THR A 372 -23.78 -1.05 -24.16
CA THR A 372 -25.11 -1.58 -23.88
C THR A 372 -26.07 -0.57 -23.24
N GLU A 373 -25.61 0.63 -22.88
CA GLU A 373 -26.49 1.59 -22.22
C GLU A 373 -26.34 2.95 -22.86
N PRO A 374 -26.85 3.16 -24.10
CA PRO A 374 -26.66 4.46 -24.76
C PRO A 374 -27.42 5.62 -24.09
N THR A 375 -28.27 5.35 -23.10
CA THR A 375 -28.89 6.40 -22.30
C THR A 375 -28.43 6.27 -20.85
N CYS A 376 -27.12 6.22 -20.65
CA CYS A 376 -26.55 5.99 -19.34
C CYS A 376 -26.65 7.27 -18.50
N GLU A 377 -26.56 7.07 -17.19
CA GLU A 377 -26.62 8.15 -16.23
C GLU A 377 -25.47 9.13 -16.50
N GLN A 378 -25.82 10.41 -16.49
CA GLN A 378 -24.91 11.48 -16.80
C GLN A 378 -24.60 12.23 -15.51
N PRO A 379 -23.47 12.93 -15.43
CA PRO A 379 -23.03 13.47 -14.15
C PRO A 379 -23.90 14.65 -13.76
N CYS A 380 -24.01 14.85 -12.45
CA CYS A 380 -24.67 16.02 -11.89
C CYS A 380 -23.92 17.29 -12.28
N LYS A 381 -24.66 18.35 -12.66
CA LYS A 381 -24.05 19.61 -13.02
C LYS A 381 -23.82 20.45 -11.75
N TRP A 382 -22.71 20.17 -11.05
CA TRP A 382 -22.21 21.03 -9.98
C TRP A 382 -21.60 22.28 -10.58
N LYS A 383 -22.38 23.37 -10.61
CA LYS A 383 -21.97 24.63 -11.19
C LYS A 383 -21.13 25.46 -10.21
N ILE A 384 -20.20 26.24 -10.76
CA ILE A 384 -19.41 27.17 -9.97
C ILE A 384 -20.32 28.20 -9.30
N VAL A 385 -19.97 28.58 -8.07
CA VAL A 385 -20.71 29.54 -7.29
C VAL A 385 -19.70 30.57 -6.78
N TYR A 386 -20.02 31.86 -6.95
CA TYR A 386 -19.14 32.93 -6.50
C TYR A 386 -19.66 33.68 -5.26
N PRO A 415 -35.63 21.48 -2.82
CA PRO A 415 -35.51 20.04 -3.00
C PRO A 415 -34.09 19.62 -2.62
N TRP A 416 -33.90 18.32 -2.34
CA TRP A 416 -32.59 17.77 -2.11
C TRP A 416 -31.66 18.09 -3.28
N SER A 417 -30.39 18.42 -2.98
CA SER A 417 -29.36 18.46 -4.00
C SER A 417 -29.08 17.03 -4.47
N CYS A 418 -28.34 16.93 -5.58
CA CYS A 418 -27.64 15.71 -5.93
C CYS A 418 -26.77 15.24 -4.77
N TRP A 419 -26.55 13.93 -4.70
CA TRP A 419 -25.44 13.38 -3.93
C TRP A 419 -24.11 13.94 -4.41
N SER A 420 -23.26 14.31 -3.44
CA SER A 420 -21.89 14.64 -3.72
C SER A 420 -21.20 13.44 -4.38
N ASP A 421 -20.08 13.74 -5.03
CA ASP A 421 -19.12 12.70 -5.43
C ASP A 421 -18.58 12.03 -4.16
N CYS A 422 -18.17 10.76 -4.24
CA CYS A 422 -17.57 10.07 -3.11
C CYS A 422 -16.32 10.78 -2.59
N SER A 423 -16.12 10.62 -1.29
CA SER A 423 -15.03 11.23 -0.56
C SER A 423 -13.70 10.54 -0.84
N VAL A 424 -13.78 9.35 -1.45
CA VAL A 424 -12.62 8.53 -1.75
C VAL A 424 -12.85 7.85 -3.10
N THR A 425 -11.76 7.27 -3.66
CA THR A 425 -11.84 6.46 -4.87
C THR A 425 -11.60 4.99 -4.59
N CYS A 426 -11.15 4.66 -3.36
CA CYS A 426 -11.00 3.29 -2.96
C CYS A 426 -11.35 3.16 -1.46
N GLY A 427 -11.81 1.98 -1.05
CA GLY A 427 -12.17 1.71 0.33
C GLY A 427 -13.52 2.32 0.69
N LYS A 428 -13.63 2.83 1.93
CA LYS A 428 -14.88 3.29 2.49
C LYS A 428 -14.92 4.82 2.48
N GLY A 429 -15.96 5.39 1.89
CA GLY A 429 -16.17 6.82 1.95
C GLY A 429 -17.66 7.13 2.05
N MET A 430 -18.01 8.37 1.74
CA MET A 430 -19.37 8.86 1.91
C MET A 430 -19.72 9.85 0.80
N ARG A 431 -21.01 9.95 0.50
CA ARG A 431 -21.59 11.04 -0.28
C ARG A 431 -22.52 11.81 0.65
N THR A 432 -22.80 13.06 0.33
CA THR A 432 -23.76 13.86 1.09
C THR A 432 -24.69 14.61 0.13
N ARG A 433 -25.86 15.00 0.63
CA ARG A 433 -26.84 15.82 -0.09
C ARG A 433 -27.38 16.90 0.84
N GLN A 434 -27.68 18.08 0.28
CA GLN A 434 -27.92 19.28 1.07
C GLN A 434 -29.18 19.98 0.55
N ARG A 435 -29.79 20.85 1.37
CA ARG A 435 -30.91 21.69 0.94
C ARG A 435 -31.05 22.90 1.85
N MET A 436 -31.45 24.03 1.25
CA MET A 436 -31.42 25.34 1.90
C MET A 436 -32.79 25.62 2.54
N LEU A 437 -33.09 26.92 2.77
CA LEU A 437 -34.31 27.32 3.46
C LEU A 437 -34.94 28.56 2.79
N LYS A 438 -35.00 29.71 3.48
CA LYS A 438 -35.86 30.81 3.05
C LYS A 438 -35.45 32.11 3.75
N ASP A 449 -32.92 18.03 9.13
CA ASP A 449 -32.27 17.62 7.84
C ASP A 449 -32.11 18.85 6.95
N LEU A 450 -31.02 19.59 7.12
CA LEU A 450 -30.51 20.49 6.08
C LEU A 450 -29.49 19.71 5.22
N GLU A 451 -29.04 18.55 5.72
CA GLU A 451 -27.96 17.78 5.13
C GLU A 451 -28.19 16.30 5.47
N GLN A 452 -27.71 15.40 4.60
CA GLN A 452 -27.85 13.95 4.76
C GLN A 452 -26.64 13.25 4.15
N ALA A 453 -26.39 11.98 4.52
CA ALA A 453 -25.16 11.28 4.16
C ALA A 453 -25.43 9.79 3.98
N GLU A 454 -24.61 9.14 3.13
CA GLU A 454 -24.70 7.72 2.88
C GLU A 454 -23.30 7.15 2.58
N LYS A 455 -23.10 5.89 2.94
CA LYS A 455 -21.83 5.23 2.71
C LYS A 455 -21.71 4.99 1.21
N CYS A 456 -20.49 5.08 0.70
CA CYS A 456 -20.18 4.58 -0.63
C CYS A 456 -18.96 3.68 -0.51
N MET A 457 -19.13 2.43 -0.94
CA MET A 457 -18.09 1.43 -0.76
C MET A 457 -17.49 1.13 -2.13
N LEU A 458 -16.18 1.33 -2.21
CA LEU A 458 -15.41 1.19 -3.42
C LEU A 458 -14.50 -0.03 -3.28
N PRO A 459 -13.83 -0.46 -4.36
CA PRO A 459 -12.81 -1.49 -4.26
C PRO A 459 -11.67 -1.13 -3.30
N GLU A 460 -10.97 -2.14 -2.78
CA GLU A 460 -9.81 -1.89 -1.92
C GLU A 460 -8.71 -1.18 -2.70
N CYS A 461 -7.92 -0.41 -1.95
CA CYS A 461 -6.93 0.54 -2.44
C CYS A 461 -5.70 -0.14 -3.04
N GLU B 2 15.42 -25.19 -22.57
CA GLU B 2 14.48 -25.92 -21.67
C GLU B 2 14.60 -25.44 -20.22
N LYS B 3 15.56 -24.55 -19.92
CA LYS B 3 15.55 -23.84 -18.64
C LYS B 3 14.32 -22.96 -18.55
N LYS B 4 13.58 -23.12 -17.45
CA LYS B 4 12.46 -22.26 -17.12
C LYS B 4 12.69 -21.60 -15.75
N PHE B 5 12.17 -20.38 -15.59
CA PHE B 5 12.37 -19.53 -14.42
C PHE B 5 11.01 -19.23 -13.78
N LEU B 6 10.85 -19.54 -12.49
CA LEU B 6 9.73 -19.07 -11.71
C LEU B 6 10.15 -17.88 -10.85
N LEU B 7 9.48 -16.75 -11.05
CA LEU B 7 9.61 -15.59 -10.20
C LEU B 7 8.32 -15.49 -9.43
N TYR B 8 8.37 -14.79 -8.28
CA TYR B 8 7.16 -14.57 -7.53
C TYR B 8 7.26 -13.30 -6.70
N ASP B 9 6.10 -12.86 -6.22
CA ASP B 9 6.06 -11.80 -5.25
C ASP B 9 4.90 -12.06 -4.31
N VAL B 10 4.80 -11.22 -3.30
CA VAL B 10 3.85 -11.35 -2.21
C VAL B 10 3.18 -10.01 -2.02
N ASN B 11 1.95 -10.04 -1.52
CA ASN B 11 1.22 -8.86 -1.12
C ASN B 11 2.16 -7.88 -0.38
N PHE B 12 2.22 -6.63 -0.85
CA PHE B 12 3.09 -5.59 -0.29
C PHE B 12 3.00 -5.41 1.22
N GLY B 13 1.85 -5.64 1.85
CA GLY B 13 1.77 -5.35 3.28
C GLY B 13 2.26 -6.46 4.20
N GLU B 14 2.76 -7.54 3.62
CA GLU B 14 3.17 -8.70 4.38
C GLU B 14 4.56 -8.44 4.96
N GLY B 15 4.83 -9.14 6.06
CA GLY B 15 6.08 -9.01 6.77
C GLY B 15 7.07 -10.07 6.33
N PHE B 16 8.29 -9.85 6.79
CA PHE B 16 9.46 -10.67 6.49
C PHE B 16 9.19 -12.16 6.75
N ASN B 17 8.62 -12.48 7.91
CA ASN B 17 8.52 -13.86 8.32
C ASN B 17 7.39 -14.61 7.61
N LEU B 18 6.32 -13.92 7.23
CA LEU B 18 5.33 -14.53 6.33
C LEU B 18 5.96 -14.80 4.95
N ARG B 19 6.79 -13.88 4.46
CA ARG B 19 7.42 -14.09 3.17
C ARG B 19 8.33 -15.30 3.19
N ARG B 20 8.96 -15.55 4.34
CA ARG B 20 9.82 -16.72 4.47
C ARG B 20 8.98 -18.00 4.34
N ASP B 21 7.76 -17.95 4.88
CA ASP B 21 6.87 -19.08 4.74
C ASP B 21 6.44 -19.27 3.27
N VAL B 22 6.19 -18.16 2.57
CA VAL B 22 5.74 -18.26 1.19
C VAL B 22 6.83 -18.89 0.35
N TYR B 23 8.10 -18.59 0.67
CA TYR B 23 9.21 -19.18 -0.08
C TYR B 23 9.10 -20.70 -0.15
N MET B 24 8.70 -21.29 0.96
CA MET B 24 8.66 -22.74 1.08
C MET B 24 7.53 -23.32 0.22
N ARG B 25 6.41 -22.58 0.15
CA ARG B 25 5.31 -22.96 -0.72
C ARG B 25 5.78 -23.01 -2.18
N VAL B 26 6.52 -21.98 -2.58
CA VAL B 26 6.93 -21.84 -3.95
C VAL B 26 8.11 -22.76 -4.26
N ALA B 27 9.03 -22.95 -3.30
CA ALA B 27 10.11 -23.93 -3.44
C ALA B 27 9.56 -25.34 -3.71
N ASN B 28 8.51 -25.75 -2.99
CA ASN B 28 7.89 -27.05 -3.15
C ASN B 28 7.17 -27.16 -4.50
N THR B 29 6.65 -26.05 -5.02
CA THR B 29 6.12 -26.05 -6.35
C THR B 29 7.23 -26.37 -7.36
N VAL B 30 8.38 -25.72 -7.19
CA VAL B 30 9.51 -25.93 -8.08
C VAL B 30 10.06 -27.37 -7.94
N ARG B 31 10.01 -27.91 -6.70
CA ARG B 31 10.51 -29.25 -6.43
C ARG B 31 9.63 -30.26 -7.17
N SER B 32 8.30 -30.07 -7.11
CA SER B 32 7.35 -30.90 -7.83
C SER B 32 7.55 -30.80 -9.34
N LEU B 33 7.67 -29.57 -9.84
CA LEU B 33 7.94 -29.31 -11.24
C LEU B 33 9.18 -30.07 -11.69
N ARG B 34 10.25 -30.07 -10.89
CA ARG B 34 11.49 -30.71 -11.31
C ARG B 34 11.41 -32.24 -11.17
N ASP B 35 10.64 -32.72 -10.19
CA ASP B 35 10.37 -34.14 -10.02
C ASP B 35 9.51 -34.70 -11.15
N SER B 36 8.73 -33.83 -11.81
CA SER B 36 7.92 -34.24 -12.95
C SER B 36 8.67 -33.98 -14.26
N GLY B 37 9.97 -33.74 -14.19
CA GLY B 37 10.80 -33.64 -15.39
C GLY B 37 11.01 -32.23 -15.95
N GLU B 38 10.48 -31.18 -15.30
CA GLU B 38 10.59 -29.80 -15.80
C GLU B 38 11.78 -29.06 -15.18
N ASN B 39 12.67 -28.53 -16.03
CA ASN B 39 13.90 -27.87 -15.61
C ASN B 39 13.64 -26.42 -15.16
N TYR B 40 12.93 -26.28 -14.04
CA TYR B 40 12.59 -25.00 -13.44
C TYR B 40 13.67 -24.58 -12.45
N ILE B 41 13.99 -23.26 -12.49
CA ILE B 41 14.88 -22.57 -11.57
C ILE B 41 14.04 -21.55 -10.82
N LEU B 42 14.19 -21.47 -9.49
CA LEU B 42 13.46 -20.46 -8.73
C LEU B 42 14.30 -19.18 -8.66
N VAL B 43 13.71 -18.05 -9.08
CA VAL B 43 14.33 -16.74 -9.00
C VAL B 43 13.90 -16.07 -7.69
N LEU B 44 14.88 -15.76 -6.84
CA LEU B 44 14.63 -15.27 -5.50
C LEU B 44 14.22 -13.80 -5.59
N PRO B 45 13.03 -13.44 -5.09
CA PRO B 45 12.59 -12.04 -5.14
C PRO B 45 13.39 -11.16 -4.18
N PRO B 46 13.93 -10.01 -4.62
CA PRO B 46 14.67 -9.11 -3.74
C PRO B 46 13.82 -8.66 -2.56
N TRP B 47 14.48 -8.49 -1.41
CA TRP B 47 13.83 -8.03 -0.20
C TRP B 47 13.73 -6.51 -0.20
N GLY B 48 12.65 -6.01 0.40
CA GLY B 48 12.45 -4.58 0.56
C GLY B 48 12.48 -4.18 2.04
N ARG B 49 11.84 -3.04 2.34
CA ARG B 49 11.72 -2.46 3.68
C ARG B 49 11.11 -3.42 4.70
N LEU B 50 11.73 -3.54 5.89
CA LEU B 50 11.19 -4.39 6.95
C LEU B 50 9.95 -3.72 7.55
N HIS B 51 10.04 -2.40 7.79
CA HIS B 51 8.92 -1.66 8.38
C HIS B 51 8.25 -0.79 7.32
N HIS B 52 6.92 -0.70 7.43
CA HIS B 52 6.12 0.02 6.44
C HIS B 52 6.23 1.52 6.69
N TRP B 53 6.81 1.89 7.85
CA TRP B 53 7.08 3.27 8.23
C TRP B 53 8.53 3.65 7.98
N LYS B 54 9.19 3.01 7.00
CA LYS B 54 10.58 3.32 6.66
C LYS B 54 10.70 3.56 5.16
N VAL B 58 15.65 -1.28 -0.09
CA VAL B 58 15.00 -1.76 -1.34
C VAL B 58 16.00 -2.60 -2.16
N ALA B 59 15.49 -3.66 -2.79
CA ALA B 59 16.23 -4.46 -3.75
C ALA B 59 17.45 -5.09 -3.09
N LEU B 60 17.23 -5.85 -2.03
CA LEU B 60 18.30 -6.52 -1.30
C LEU B 60 18.37 -7.99 -1.68
N SER B 61 19.59 -8.45 -1.93
CA SER B 61 19.88 -9.84 -2.24
C SER B 61 19.56 -10.76 -1.05
N TRP B 62 19.20 -12.00 -1.38
CA TRP B 62 18.97 -13.03 -0.40
C TRP B 62 20.26 -13.40 0.34
N ARG B 63 21.44 -13.21 -0.28
CA ARG B 63 22.69 -13.64 0.30
C ARG B 63 23.00 -12.82 1.55
N LEU B 64 22.33 -11.67 1.72
CA LEU B 64 22.48 -10.85 2.92
C LEU B 64 21.84 -11.53 4.13
N PHE B 65 20.86 -12.41 3.88
CA PHE B 65 20.04 -12.98 4.92
C PHE B 65 20.26 -14.48 5.06
N PHE B 66 20.44 -15.17 3.92
CA PHE B 66 20.39 -16.62 3.84
C PHE B 66 21.61 -17.15 3.09
N ASP B 67 21.95 -18.41 3.37
CA ASP B 67 23.04 -19.06 2.66
C ASP B 67 22.48 -19.70 1.38
N LEU B 68 22.84 -19.14 0.21
CA LEU B 68 22.30 -19.59 -1.07
C LEU B 68 22.69 -21.04 -1.36
N GLU B 69 23.90 -21.44 -0.94
CA GLU B 69 24.34 -22.80 -1.18
C GLU B 69 23.40 -23.80 -0.49
N SER B 70 22.93 -23.48 0.73
CA SER B 70 21.97 -24.33 1.42
C SER B 70 20.63 -24.39 0.66
N LEU B 71 20.13 -23.24 0.18
CA LEU B 71 18.85 -23.22 -0.51
C LEU B 71 18.91 -24.10 -1.76
N ASN B 72 20.07 -24.04 -2.42
CA ASN B 72 20.36 -24.72 -3.68
CA ASN B 72 20.34 -24.72 -3.68
C ASN B 72 20.35 -26.24 -3.53
N ARG B 73 20.49 -26.75 -2.30
CA ARG B 73 20.49 -28.19 -2.12
C ARG B 73 19.09 -28.78 -2.24
N PHE B 74 18.04 -27.96 -2.08
CA PHE B 74 16.68 -28.45 -2.19
C PHE B 74 16.18 -28.29 -3.63
N ILE B 75 16.42 -27.09 -4.19
CA ILE B 75 16.05 -26.74 -5.55
C ILE B 75 17.14 -25.83 -6.09
N PRO B 76 17.30 -25.69 -7.42
CA PRO B 76 18.13 -24.62 -7.98
C PRO B 76 17.49 -23.24 -7.83
N VAL B 77 18.29 -22.29 -7.31
CA VAL B 77 17.83 -20.94 -7.07
C VAL B 77 18.85 -19.98 -7.66
N ILE B 78 18.37 -18.83 -8.12
CA ILE B 78 19.25 -17.73 -8.46
C ILE B 78 18.63 -16.44 -7.95
N GLU B 79 19.51 -15.45 -7.79
CA GLU B 79 19.11 -14.11 -7.39
C GLU B 79 18.42 -13.46 -8.58
N PHE B 80 17.52 -12.52 -8.30
CA PHE B 80 16.87 -11.79 -9.34
C PHE B 80 17.87 -11.11 -10.27
N GLU B 81 18.92 -10.50 -9.72
CA GLU B 81 19.92 -9.81 -10.54
C GLU B 81 20.71 -10.79 -11.41
N ASP B 82 20.83 -12.06 -11.03
CA ASP B 82 21.42 -13.10 -11.89
C ASP B 82 20.44 -13.44 -13.03
N PHE B 83 19.14 -13.45 -12.71
CA PHE B 83 18.11 -13.66 -13.72
C PHE B 83 18.15 -12.54 -14.75
N LEU B 84 18.34 -11.31 -14.30
CA LEU B 84 18.42 -10.17 -15.20
C LEU B 84 19.61 -10.27 -16.15
N ASP B 85 20.70 -10.92 -15.74
CA ASP B 85 21.90 -11.03 -16.56
C ASP B 85 21.68 -11.96 -17.76
N GLU B 86 20.51 -12.60 -17.84
CA GLU B 86 20.13 -13.42 -19.00
C GLU B 86 19.37 -12.61 -20.06
N ASN B 87 19.13 -11.32 -19.76
CA ASN B 87 18.62 -10.34 -20.72
C ASN B 87 17.38 -10.83 -21.46
N ARG B 88 16.56 -11.63 -20.77
CA ARG B 88 15.31 -12.14 -21.31
C ARG B 88 14.17 -11.46 -20.55
N PRO B 89 13.28 -10.67 -21.20
CA PRO B 89 12.06 -10.20 -20.55
C PRO B 89 11.26 -11.33 -19.88
N ILE B 90 10.38 -10.92 -18.98
CA ILE B 90 9.47 -11.82 -18.28
C ILE B 90 8.33 -12.10 -19.26
N ASP B 91 8.03 -13.37 -19.51
CA ASP B 91 7.06 -13.75 -20.52
C ASP B 91 5.64 -13.55 -20.00
N GLN B 92 5.41 -13.92 -18.72
CA GLN B 92 4.07 -13.94 -18.18
C GLN B 92 4.10 -13.49 -16.72
N VAL B 93 3.13 -12.64 -16.35
CA VAL B 93 2.76 -12.41 -14.97
C VAL B 93 1.40 -13.04 -14.76
N ILE B 94 1.28 -13.85 -13.70
CA ILE B 94 0.03 -14.36 -13.21
C ILE B 94 -0.19 -13.78 -11.81
N TYR B 95 -1.27 -13.03 -11.70
CA TYR B 95 -1.64 -12.41 -10.45
C TYR B 95 -2.70 -13.27 -9.80
N LEU B 96 -2.32 -14.03 -8.77
CA LEU B 96 -3.26 -14.87 -8.04
C LEU B 96 -4.23 -14.01 -7.25
N GLN B 97 -5.45 -14.56 -7.10
CA GLN B 97 -6.52 -13.91 -6.36
C GLN B 97 -7.42 -15.01 -5.79
N HIS B 98 -8.23 -14.61 -4.82
CA HIS B 98 -9.09 -15.51 -4.07
C HIS B 98 -10.41 -15.68 -4.82
N TYR B 99 -10.98 -16.86 -4.63
CA TYR B 99 -12.42 -17.07 -4.75
C TYR B 99 -13.09 -16.55 -3.48
N ALA B 100 -14.19 -15.79 -3.64
CA ALA B 100 -15.16 -15.51 -2.58
C ALA B 100 -15.61 -16.80 -1.90
N GLU B 101 -15.50 -16.87 -0.56
CA GLU B 101 -15.71 -18.12 0.16
C GLU B 101 -16.93 -18.00 1.08
N TYR B 107 -12.41 -26.48 0.80
CA TYR B 107 -11.80 -27.84 0.76
C TYR B 107 -11.62 -28.32 -0.68
N VAL B 108 -11.74 -27.40 -1.67
CA VAL B 108 -11.79 -27.76 -3.08
C VAL B 108 -10.62 -27.10 -3.83
N ARG B 109 -9.66 -27.90 -4.30
CA ARG B 109 -8.54 -27.37 -5.06
C ARG B 109 -8.98 -27.03 -6.49
N LYS B 110 -8.65 -25.82 -6.97
CA LYS B 110 -9.04 -25.38 -8.30
C LYS B 110 -8.40 -24.05 -8.65
N PHE B 111 -8.39 -23.79 -9.96
CA PHE B 111 -7.97 -22.49 -10.48
C PHE B 111 -8.69 -22.17 -11.78
N GLU B 112 -8.73 -20.88 -12.13
CA GLU B 112 -9.21 -20.45 -13.44
C GLU B 112 -8.78 -19.02 -13.73
N LYS B 113 -8.37 -18.74 -14.98
CA LYS B 113 -8.22 -17.36 -15.41
C LYS B 113 -9.57 -16.67 -15.32
N ARG B 114 -9.55 -15.45 -14.77
CA ARG B 114 -10.75 -14.70 -14.46
C ARG B 114 -10.44 -13.23 -14.62
N SER B 115 -11.50 -12.43 -14.62
CA SER B 115 -11.39 -10.99 -14.53
C SER B 115 -10.63 -10.62 -13.25
N CYS B 116 -9.89 -9.51 -13.32
CA CYS B 116 -9.05 -9.04 -12.23
C CYS B 116 -9.88 -8.45 -11.09
N LEU B 117 -9.76 -9.04 -9.89
CA LEU B 117 -10.33 -8.43 -8.70
C LEU B 117 -9.45 -7.24 -8.28
N PRO B 118 -9.98 -6.29 -7.48
CA PRO B 118 -9.14 -5.26 -6.87
C PRO B 118 -8.04 -5.94 -6.05
N PRO B 119 -6.79 -5.42 -5.99
CA PRO B 119 -6.40 -4.19 -6.68
C PRO B 119 -5.46 -4.38 -7.85
N ALA B 120 -5.63 -5.49 -8.58
CA ALA B 120 -4.67 -5.93 -9.58
C ALA B 120 -4.39 -4.86 -10.63
N GLU B 121 -5.39 -4.06 -11.01
CA GLU B 121 -5.21 -3.17 -12.14
C GLU B 121 -4.44 -1.91 -11.73
N SER B 122 -4.27 -1.65 -10.43
CA SER B 122 -3.35 -0.61 -9.95
C SER B 122 -1.89 -1.04 -10.06
N HIS B 123 -1.65 -2.36 -10.09
CA HIS B 123 -0.32 -2.92 -9.90
C HIS B 123 0.38 -3.21 -11.21
N TYR B 124 -0.39 -3.43 -12.28
CA TYR B 124 0.18 -3.70 -13.59
C TYR B 124 -0.57 -2.90 -14.65
N LYS B 125 0.15 -2.41 -15.66
CA LYS B 125 -0.41 -1.51 -16.65
C LYS B 125 0.18 -1.84 -18.02
N GLN B 126 -0.71 -2.13 -18.97
CA GLN B 126 -0.29 -2.41 -20.33
C GLN B 126 0.00 -1.09 -21.03
N VAL B 127 1.18 -1.00 -21.65
CA VAL B 127 1.62 0.20 -22.33
C VAL B 127 1.75 -0.08 -23.83
N GLU B 128 2.03 -1.34 -24.19
CA GLU B 128 2.04 -1.79 -25.58
C GLU B 128 1.45 -3.19 -25.62
N GLU B 129 1.29 -3.72 -26.85
CA GLU B 129 0.67 -5.00 -27.04
C GLU B 129 1.33 -6.05 -26.13
N PHE B 130 2.66 -6.12 -26.16
CA PHE B 130 3.37 -7.12 -25.36
C PHE B 130 4.29 -6.45 -24.33
N LYS B 131 3.83 -5.38 -23.69
CA LYS B 131 4.60 -4.70 -22.68
C LYS B 131 3.69 -4.25 -21.53
N TRP B 132 3.88 -4.90 -20.38
CA TRP B 132 3.20 -4.57 -19.15
C TRP B 132 4.21 -4.10 -18.10
N LYS B 133 3.97 -2.88 -17.60
CA LYS B 133 4.75 -2.32 -16.52
C LYS B 133 4.13 -2.73 -15.18
N GLY B 134 4.99 -2.76 -14.16
CA GLY B 134 4.63 -3.09 -12.80
C GLY B 134 5.78 -2.70 -11.88
N TRP B 135 5.60 -2.92 -10.59
CA TRP B 135 6.64 -2.57 -9.62
C TRP B 135 7.92 -3.32 -9.91
N PHE B 136 7.79 -4.64 -10.12
CA PHE B 136 8.91 -5.54 -10.36
C PHE B 136 10.07 -5.22 -9.41
N TYR B 137 9.75 -5.17 -8.11
CA TYR B 137 10.75 -5.07 -7.06
C TYR B 137 11.51 -3.75 -7.10
N SER B 138 10.95 -2.74 -7.80
CA SER B 138 11.53 -1.41 -7.93
C SER B 138 12.44 -1.28 -9.15
N TYR B 139 12.65 -2.37 -9.88
CA TYR B 139 13.61 -2.30 -10.98
C TYR B 139 12.96 -1.67 -12.20
N GLU B 140 13.55 -0.55 -12.55
CA GLU B 140 13.33 0.21 -13.75
C GLU B 140 13.77 -0.68 -14.89
N ASP B 141 12.99 -0.62 -15.97
CA ASP B 141 13.25 -1.27 -17.24
C ASP B 141 12.84 -2.73 -17.23
N VAL B 142 12.30 -3.25 -16.14
CA VAL B 142 11.74 -4.60 -16.17
C VAL B 142 10.28 -4.53 -16.60
N TYR B 143 9.87 -5.40 -17.53
CA TYR B 143 8.48 -5.46 -17.95
C TYR B 143 8.13 -6.92 -18.26
N SER B 144 6.83 -7.18 -18.41
CA SER B 144 6.33 -8.49 -18.79
C SER B 144 5.67 -8.39 -20.16
N ARG B 145 5.75 -9.46 -20.95
CA ARG B 145 5.12 -9.54 -22.26
C ARG B 145 3.61 -9.76 -22.09
N ASN B 146 3.20 -10.43 -21.02
CA ASN B 146 1.81 -10.78 -20.78
C ASN B 146 1.46 -10.66 -19.29
N PHE B 147 0.16 -10.47 -19.03
CA PHE B 147 -0.40 -10.33 -17.70
C PHE B 147 -1.82 -10.89 -17.67
N GLN B 148 -2.16 -11.62 -16.60
CA GLN B 148 -3.53 -11.96 -16.30
C GLN B 148 -3.70 -12.26 -14.82
N CYS B 149 -4.97 -12.29 -14.36
CA CYS B 149 -5.35 -12.76 -13.04
C CYS B 149 -5.86 -14.20 -13.11
N VAL B 150 -5.54 -14.98 -12.06
CA VAL B 150 -6.04 -16.33 -11.89
C VAL B 150 -6.59 -16.48 -10.48
N SER B 151 -7.89 -16.78 -10.35
CA SER B 151 -8.46 -17.23 -9.09
C SER B 151 -7.95 -18.63 -8.80
N ILE B 152 -7.47 -18.82 -7.56
CA ILE B 152 -6.91 -20.09 -7.15
C ILE B 152 -7.27 -20.35 -5.70
N GLN B 153 -7.52 -21.63 -5.43
CA GLN B 153 -7.72 -22.18 -4.11
C GLN B 153 -6.97 -23.50 -4.16
N GLY B 154 -5.90 -23.62 -3.37
CA GLY B 154 -5.03 -24.75 -3.53
C GLY B 154 -3.68 -24.53 -2.90
N ASP B 155 -2.73 -25.38 -3.30
CA ASP B 155 -1.42 -25.47 -2.70
C ASP B 155 -0.39 -25.50 -3.80
N SER B 156 0.86 -25.85 -3.42
CA SER B 156 2.00 -25.96 -4.32
C SER B 156 1.71 -26.86 -5.52
N GLY B 157 0.90 -27.91 -5.30
CA GLY B 157 0.52 -28.85 -6.36
C GLY B 157 -0.41 -28.19 -7.37
N THR B 158 -1.45 -27.51 -6.86
CA THR B 158 -2.33 -26.71 -7.72
C THR B 158 -1.51 -25.71 -8.55
N LEU B 159 -0.47 -25.11 -7.95
CA LEU B 159 0.27 -24.08 -8.65
C LEU B 159 1.15 -24.72 -9.71
N LYS B 160 1.65 -25.93 -9.42
CA LYS B 160 2.38 -26.71 -10.42
C LYS B 160 1.50 -26.85 -11.65
N ASP B 161 0.23 -27.22 -11.41
CA ASP B 161 -0.73 -27.52 -12.49
C ASP B 161 -0.98 -26.25 -13.29
N LEU B 162 -1.22 -25.15 -12.58
CA LEU B 162 -1.40 -23.86 -13.24
C LEU B 162 -0.22 -23.55 -14.15
N LEU B 163 1.00 -23.84 -13.69
CA LEU B 163 2.19 -23.39 -14.41
C LEU B 163 2.44 -24.23 -15.65
N LYS B 164 1.93 -25.48 -15.64
CA LYS B 164 2.04 -26.38 -16.79
C LYS B 164 0.88 -26.20 -17.78
N HIS B 165 -0.05 -25.28 -17.51
CA HIS B 165 -1.12 -25.00 -18.44
C HIS B 165 -0.58 -24.60 -19.80
N SER B 166 -1.34 -24.97 -20.86
CA SER B 166 -0.85 -24.82 -22.22
C SER B 166 -0.74 -23.35 -22.60
N ASN B 167 -1.54 -22.48 -21.95
CA ASN B 167 -1.48 -21.06 -22.27
C ASN B 167 -0.07 -20.48 -22.03
N PHE B 168 0.79 -21.18 -21.28
CA PHE B 168 2.10 -20.65 -20.92
C PHE B 168 3.24 -21.50 -21.50
N SER B 169 2.94 -22.42 -22.41
CA SER B 169 3.94 -23.41 -22.82
C SER B 169 5.06 -22.75 -23.62
N GLU B 170 4.82 -21.55 -24.19
CA GLU B 170 5.86 -20.79 -24.88
C GLU B 170 6.68 -19.92 -23.92
N SER B 171 6.25 -19.78 -22.66
CA SER B 171 6.90 -18.88 -21.69
C SER B 171 8.04 -19.61 -20.99
N THR B 172 9.26 -19.07 -21.07
CA THR B 172 10.34 -19.62 -20.25
C THR B 172 10.52 -18.84 -18.93
N SER B 173 9.92 -17.63 -18.77
CA SER B 173 9.95 -16.89 -17.50
C SER B 173 8.54 -16.46 -17.10
N ILE B 174 8.05 -16.99 -15.97
CA ILE B 174 6.72 -16.72 -15.43
C ILE B 174 6.84 -16.15 -14.01
N MET B 175 6.14 -15.06 -13.76
CA MET B 175 6.14 -14.44 -12.45
C MET B 175 4.75 -14.60 -11.84
N VAL B 176 4.72 -15.18 -10.64
CA VAL B 176 3.49 -15.39 -9.92
C VAL B 176 3.41 -14.38 -8.77
N ASP B 177 2.50 -13.43 -8.92
CA ASP B 177 2.29 -12.42 -7.91
C ASP B 177 1.17 -12.90 -6.99
N ARG B 178 1.14 -12.34 -5.77
CA ARG B 178 0.26 -12.76 -4.70
C ARG B 178 0.41 -14.26 -4.42
N ALA B 179 1.68 -14.70 -4.38
CA ALA B 179 2.03 -16.08 -4.07
C ALA B 179 1.53 -16.55 -2.69
N GLU B 180 1.22 -15.62 -1.77
CA GLU B 180 0.72 -16.02 -0.45
C GLU B 180 -0.69 -16.60 -0.55
N THR B 181 -1.32 -16.47 -1.72
CA THR B 181 -2.66 -17.00 -1.96
C THR B 181 -2.67 -18.54 -1.88
N ILE B 182 -1.59 -19.20 -2.27
CA ILE B 182 -1.54 -20.65 -2.18
C ILE B 182 -1.10 -21.13 -0.80
N LEU B 183 -1.59 -22.31 -0.43
CA LEU B 183 -1.29 -22.94 0.84
C LEU B 183 -0.17 -23.95 0.64
N HIS B 184 0.33 -24.50 1.75
CA HIS B 184 1.27 -25.61 1.71
C HIS B 184 0.53 -26.88 1.34
N GLU B 185 1.19 -27.72 0.56
CA GLU B 185 0.77 -29.11 0.38
C GLU B 185 1.49 -29.92 1.45
N HIS B 186 0.74 -30.74 2.18
CA HIS B 186 1.31 -31.59 3.22
C HIS B 186 2.01 -30.73 4.28
N TYR B 187 1.19 -29.88 4.90
CA TYR B 187 1.65 -28.96 5.93
C TYR B 187 2.31 -29.75 7.06
N GLY B 188 3.55 -29.40 7.42
CA GLY B 188 4.19 -29.98 8.58
C GLY B 188 4.88 -31.32 8.30
N GLU B 189 4.96 -31.72 7.01
CA GLU B 189 5.51 -33.02 6.65
C GLU B 189 6.87 -32.83 6.00
N VAL B 190 7.37 -33.89 5.35
CA VAL B 190 8.78 -34.01 5.04
C VAL B 190 9.25 -32.86 4.15
N ASP B 191 8.49 -32.54 3.10
CA ASP B 191 8.95 -31.62 2.08
C ASP B 191 8.85 -30.18 2.60
N TYR B 192 7.82 -29.92 3.40
CA TYR B 192 7.69 -28.68 4.16
C TYR B 192 8.98 -28.43 4.97
N TRP B 193 9.45 -29.46 5.67
CA TRP B 193 10.58 -29.33 6.57
C TRP B 193 11.89 -29.30 5.82
N LYS B 194 11.98 -30.00 4.69
CA LYS B 194 13.14 -29.88 3.82
C LYS B 194 13.31 -28.43 3.34
N ALA B 195 12.21 -27.83 2.88
CA ALA B 195 12.23 -26.46 2.39
C ALA B 195 12.71 -25.52 3.51
N ARG B 196 12.18 -25.72 4.72
CA ARG B 196 12.50 -24.89 5.87
C ARG B 196 13.95 -25.10 6.31
N ARG B 197 14.40 -26.35 6.32
CA ARG B 197 15.75 -26.70 6.75
C ARG B 197 16.77 -26.08 5.81
N SER B 198 16.36 -25.88 4.55
CA SER B 198 17.24 -25.35 3.52
C SER B 198 17.54 -23.86 3.76
N MET B 199 16.68 -23.19 4.53
CA MET B 199 16.80 -21.76 4.73
C MET B 199 17.79 -21.46 5.86
N ARG B 200 19.05 -21.90 5.66
CA ARG B 200 20.11 -21.59 6.61
C ARG B 200 20.43 -20.10 6.50
N TYR B 201 20.76 -19.49 7.64
CA TYR B 201 21.05 -18.07 7.65
C TYR B 201 22.43 -17.80 7.06
N SER B 202 22.64 -16.61 6.51
CA SER B 202 23.94 -16.15 6.03
C SER B 202 25.02 -16.52 7.05
N ASN B 203 26.18 -16.98 6.59
CA ASN B 203 27.31 -17.25 7.49
C ASN B 203 27.79 -15.99 8.20
N ASP B 204 27.66 -14.85 7.53
CA ASP B 204 28.09 -13.58 8.11
C ASP B 204 27.19 -13.20 9.28
N LEU B 205 25.88 -13.45 9.13
CA LEU B 205 24.95 -13.24 10.22
C LEU B 205 25.19 -14.22 11.35
N VAL B 206 25.47 -15.49 11.02
CA VAL B 206 25.69 -16.52 12.02
C VAL B 206 26.93 -16.15 12.85
N ASP B 207 28.00 -15.65 12.20
CA ASP B 207 29.23 -15.29 12.87
C ASP B 207 28.98 -14.12 13.81
N VAL B 208 28.24 -13.12 13.35
CA VAL B 208 27.91 -11.98 14.19
C VAL B 208 27.12 -12.48 15.40
N ALA B 209 26.12 -13.33 15.18
CA ALA B 209 25.28 -13.79 16.27
C ALA B 209 26.09 -14.62 17.25
N ASP B 210 26.97 -15.48 16.71
CA ASP B 210 27.80 -16.40 17.48
C ASP B 210 28.81 -15.63 18.34
N ALA B 211 29.37 -14.53 17.83
CA ALA B 211 30.24 -13.70 18.65
C ALA B 211 29.44 -13.09 19.81
N PHE B 212 28.19 -12.69 19.55
CA PHE B 212 27.36 -12.12 20.61
C PHE B 212 27.00 -13.18 21.65
N ARG B 213 26.60 -14.37 21.19
CA ARG B 213 26.30 -15.49 22.05
C ARG B 213 27.48 -15.75 22.98
N LYS B 214 28.69 -15.88 22.42
CA LYS B 214 29.83 -16.34 23.20
C LYS B 214 30.30 -15.26 24.17
N LYS B 215 30.22 -13.98 23.79
CA LYS B 215 30.67 -12.90 24.64
C LYS B 215 29.65 -12.57 25.73
N TYR B 216 28.38 -12.39 25.37
CA TYR B 216 27.46 -11.82 26.33
C TYR B 216 26.62 -12.89 26.99
N LEU B 217 26.38 -14.00 26.29
CA LEU B 217 25.45 -14.99 26.81
C LEU B 217 26.17 -16.28 27.23
N ASP B 218 27.51 -16.27 27.18
CA ASP B 218 28.42 -17.33 27.64
C ASP B 218 27.94 -18.66 27.06
N SER B 219 27.77 -18.61 25.74
CA SER B 219 27.04 -19.63 24.98
C SER B 219 27.81 -19.94 23.69
N ASP B 220 27.99 -21.22 23.41
CA ASP B 220 28.66 -21.63 22.18
C ASP B 220 28.19 -23.05 21.84
N ASP B 221 28.41 -23.47 20.60
CA ASP B 221 27.73 -24.65 20.08
C ASP B 221 28.21 -25.91 20.80
N LYS B 222 29.48 -25.91 21.21
CA LYS B 222 30.11 -27.06 21.87
C LYS B 222 29.46 -27.31 23.22
N ARG B 223 29.44 -26.30 24.10
CA ARG B 223 28.84 -26.45 25.43
C ARG B 223 27.32 -26.48 25.35
N ASP B 224 26.72 -25.90 24.30
CA ASP B 224 25.28 -25.84 24.21
C ASP B 224 24.71 -27.12 23.57
N LYS B 225 25.57 -27.89 22.90
CA LYS B 225 25.17 -29.11 22.19
C LYS B 225 24.20 -28.73 21.07
N THR B 226 24.57 -27.68 20.35
CA THR B 226 23.78 -27.18 19.24
C THR B 226 24.66 -27.07 18.01
N LYS B 227 25.69 -27.93 17.94
CA LYS B 227 26.47 -28.11 16.73
C LYS B 227 25.52 -28.62 15.62
N LEU B 228 25.51 -27.92 14.47
CA LEU B 228 24.84 -28.38 13.27
C LEU B 228 25.91 -28.64 12.21
N VAL B 229 25.75 -29.71 11.44
CA VAL B 229 26.56 -29.98 10.27
C VAL B 229 26.37 -28.86 9.23
N ASP B 230 27.41 -28.58 8.44
CA ASP B 230 27.37 -27.57 7.39
C ASP B 230 26.25 -27.85 6.37
N ASP B 231 26.16 -29.12 5.94
CA ASP B 231 25.19 -29.57 4.97
C ASP B 231 23.90 -30.00 5.67
N TRP B 232 22.82 -29.24 5.44
CA TRP B 232 21.59 -29.46 6.19
C TRP B 232 20.96 -30.81 5.82
N THR B 233 21.28 -31.35 4.64
CA THR B 233 20.70 -32.62 4.20
C THR B 233 21.26 -33.80 5.03
N LYS B 234 22.33 -33.55 5.80
CA LYS B 234 22.89 -34.59 6.67
C LYS B 234 22.40 -34.43 8.11
N GLU B 235 21.50 -33.48 8.39
CA GLU B 235 20.90 -33.32 9.71
C GLU B 235 20.19 -34.61 10.12
N LYS B 236 20.38 -35.05 11.37
CA LYS B 236 19.65 -36.19 11.90
C LYS B 236 18.72 -35.69 13.01
N PRO B 237 17.58 -36.37 13.26
CA PRO B 237 16.69 -35.98 14.36
C PRO B 237 17.43 -36.12 15.69
N ARG B 238 17.13 -35.22 16.65
CA ARG B 238 17.71 -35.30 17.98
C ARG B 238 16.91 -34.40 18.90
N ARG B 239 16.90 -34.71 20.20
CA ARG B 239 16.27 -33.83 21.16
C ARG B 239 17.25 -33.51 22.29
N THR B 240 18.56 -33.51 21.96
CA THR B 240 19.63 -33.43 22.94
C THR B 240 20.23 -32.03 23.07
N ALA B 241 19.68 -31.01 22.38
CA ALA B 241 20.23 -29.66 22.50
C ALA B 241 19.89 -29.09 23.89
N ILE B 242 20.89 -28.39 24.47
CA ILE B 242 20.79 -27.78 25.80
C ILE B 242 20.56 -26.28 25.63
N GLY B 243 21.34 -25.70 24.73
CA GLY B 243 21.29 -24.27 24.53
C GLY B 243 22.19 -23.56 25.54
N GLY B 244 22.21 -22.24 25.41
CA GLY B 244 23.04 -21.37 26.22
C GLY B 244 22.35 -21.05 27.53
N PRO B 245 23.09 -20.50 28.53
CA PRO B 245 22.50 -20.21 29.83
C PRO B 245 21.67 -18.93 29.81
N TYR B 246 20.59 -18.95 29.02
CA TYR B 246 19.70 -17.79 28.91
C TYR B 246 18.31 -18.20 28.44
N LEU B 247 17.36 -17.38 28.88
CA LEU B 247 15.97 -17.43 28.50
C LEU B 247 15.78 -16.54 27.27
N GLY B 248 15.23 -17.10 26.18
CA GLY B 248 14.89 -16.35 24.99
C GLY B 248 13.43 -15.92 25.02
N ILE B 249 13.17 -14.62 24.85
CA ILE B 249 11.82 -14.11 24.77
C ILE B 249 11.67 -13.21 23.54
N HIS B 250 10.62 -13.51 22.75
CA HIS B 250 10.14 -12.62 21.71
C HIS B 250 8.96 -11.82 22.25
N TRP B 251 9.17 -10.51 22.44
CA TRP B 251 8.20 -9.68 23.11
C TRP B 251 7.61 -8.66 22.13
N ARG B 252 6.42 -9.02 21.62
CA ARG B 252 5.64 -8.19 20.71
C ARG B 252 4.76 -7.30 21.57
N ARG B 253 4.77 -6.00 21.29
CA ARG B 253 3.95 -5.07 22.05
C ARG B 253 2.73 -4.64 21.24
N ARG B 254 2.90 -4.41 19.93
CA ARG B 254 1.79 -4.03 19.08
C ARG B 254 1.03 -5.30 18.68
N ASP B 255 -0.29 -5.21 18.78
CA ASP B 255 -1.19 -6.32 18.55
C ASP B 255 -1.67 -6.21 17.10
N PHE B 256 -1.08 -6.98 16.19
CA PHE B 256 -1.39 -6.83 14.78
C PHE B 256 -2.69 -7.57 14.44
N LEU B 257 -3.33 -8.21 15.42
CA LEU B 257 -4.67 -8.73 15.25
C LEU B 257 -5.70 -7.71 15.72
N TYR B 258 -5.22 -6.59 16.31
CA TYR B 258 -6.06 -5.55 16.88
C TYR B 258 -7.05 -6.24 17.84
N ALA B 262 -5.79 -8.08 24.94
CA ALA B 262 -6.48 -9.37 25.15
C ALA B 262 -5.48 -10.53 25.08
N GLN B 263 -4.43 -10.46 24.24
CA GLN B 263 -3.63 -11.64 23.91
C GLN B 263 -2.15 -11.48 24.30
N LEU B 264 -1.76 -10.27 24.66
CA LEU B 264 -0.38 -9.95 25.00
C LEU B 264 -0.33 -9.60 26.49
N PRO B 265 0.75 -9.97 27.21
CA PRO B 265 0.91 -9.53 28.60
C PRO B 265 1.18 -8.04 28.68
N THR B 266 0.90 -7.45 29.86
CA THR B 266 1.34 -6.10 30.15
C THR B 266 2.82 -6.13 30.45
N ILE B 267 3.41 -4.95 30.69
CA ILE B 267 4.81 -4.88 31.08
C ILE B 267 5.01 -5.58 32.44
N PRO B 268 4.23 -5.28 33.51
CA PRO B 268 4.35 -6.01 34.78
C PRO B 268 4.10 -7.51 34.61
N GLY B 269 3.08 -7.86 33.81
CA GLY B 269 2.76 -9.24 33.49
C GLY B 269 3.96 -10.00 32.92
N THR B 270 4.72 -9.34 32.02
CA THR B 270 5.89 -9.92 31.40
C THR B 270 7.02 -10.10 32.44
N ALA B 271 7.21 -9.10 33.31
CA ALA B 271 8.21 -9.18 34.37
C ALA B 271 7.94 -10.40 35.25
N LYS B 272 6.68 -10.64 35.62
CA LYS B 272 6.29 -11.78 36.44
C LYS B 272 6.66 -13.10 35.75
N ILE B 273 6.25 -13.22 34.48
CA ILE B 273 6.50 -14.43 33.69
C ILE B 273 8.00 -14.69 33.63
N LEU B 274 8.79 -13.66 33.30
CA LEU B 274 10.23 -13.81 33.17
C LEU B 274 10.85 -14.22 34.50
N GLN B 275 10.39 -13.62 35.60
CA GLN B 275 10.92 -13.90 36.92
C GLN B 275 10.62 -15.34 37.33
N ASP B 276 9.36 -15.78 37.13
CA ASP B 276 8.98 -17.14 37.43
C ASP B 276 9.84 -18.12 36.62
N LEU B 277 9.96 -17.88 35.31
CA LEU B 277 10.73 -18.79 34.45
C LEU B 277 12.20 -18.84 34.87
N CYS B 278 12.76 -17.67 35.20
CA CYS B 278 14.16 -17.60 35.56
C CYS B 278 14.45 -18.37 36.86
N LYS B 279 13.56 -18.23 37.85
CA LYS B 279 13.64 -19.01 39.08
C LYS B 279 13.50 -20.50 38.80
N LYS B 280 12.45 -20.91 38.08
CA LYS B 280 12.17 -22.32 37.81
C LYS B 280 13.30 -22.98 37.04
N LEU B 281 14.01 -22.22 36.19
CA LEU B 281 15.03 -22.78 35.31
C LEU B 281 16.44 -22.45 35.77
N ASP B 282 16.58 -21.65 36.84
CA ASP B 282 17.87 -21.16 37.31
C ASP B 282 18.62 -20.41 36.21
N LEU B 283 17.98 -19.39 35.63
CA LEU B 283 18.63 -18.60 34.60
C LEU B 283 18.70 -17.17 35.09
N GLN B 284 19.81 -16.49 34.82
CA GLN B 284 19.96 -15.08 35.18
C GLN B 284 20.08 -14.17 33.95
N LYS B 285 20.28 -14.74 32.76
CA LYS B 285 20.35 -13.96 31.53
C LYS B 285 19.05 -14.12 30.74
N ILE B 286 18.53 -12.99 30.26
CA ILE B 286 17.41 -12.98 29.32
C ILE B 286 17.89 -12.31 28.03
N TYR B 287 17.70 -13.02 26.91
CA TYR B 287 17.85 -12.42 25.58
C TYR B 287 16.46 -11.97 25.12
N LEU B 288 16.29 -10.66 24.98
CA LEU B 288 15.03 -10.03 24.65
C LEU B 288 15.06 -9.61 23.18
N ALA B 289 14.18 -10.23 22.38
CA ALA B 289 13.90 -9.81 21.01
C ALA B 289 12.59 -9.01 21.02
N THR B 290 12.68 -7.73 20.71
CA THR B 290 11.56 -6.83 20.75
C THR B 290 11.90 -5.61 19.90
N ASP B 291 10.87 -4.93 19.39
CA ASP B 291 11.02 -3.59 18.83
C ASP B 291 10.35 -2.57 19.74
N ALA B 292 9.95 -3.01 20.96
CA ALA B 292 9.37 -2.12 21.94
C ALA B 292 10.23 -0.87 22.10
N PRO B 293 9.62 0.32 22.30
CA PRO B 293 10.40 1.54 22.49
C PRO B 293 11.23 1.47 23.77
N ASP B 294 12.28 2.27 23.84
CA ASP B 294 13.29 2.23 24.88
C ASP B 294 12.70 2.39 26.28
N GLN B 295 11.65 3.22 26.43
CA GLN B 295 11.08 3.50 27.74
C GLN B 295 10.27 2.28 28.23
N GLU B 296 9.73 1.46 27.32
CA GLU B 296 8.99 0.29 27.75
C GLU B 296 9.95 -0.84 28.14
N VAL B 297 11.11 -0.86 27.51
CA VAL B 297 12.14 -1.84 27.81
C VAL B 297 12.75 -1.51 29.17
N ASP B 298 12.97 -0.21 29.43
CA ASP B 298 13.53 0.28 30.67
C ASP B 298 12.56 0.02 31.81
N GLU B 299 11.27 0.24 31.55
CA GLU B 299 10.24 -0.14 32.52
C GLU B 299 10.35 -1.62 32.86
N LEU B 300 10.48 -2.47 31.83
CA LEU B 300 10.51 -3.92 32.05
C LEU B 300 11.74 -4.29 32.87
N LYS B 301 12.90 -3.72 32.51
CA LYS B 301 14.15 -3.94 33.22
C LYS B 301 14.03 -3.55 34.68
N ALA B 302 13.41 -2.39 34.95
CA ALA B 302 13.29 -1.88 36.31
C ALA B 302 12.43 -2.81 37.15
N LEU B 303 11.50 -3.54 36.53
CA LEU B 303 10.60 -4.41 37.26
C LEU B 303 11.22 -5.80 37.49
N LEU B 304 12.37 -6.08 36.88
CA LEU B 304 12.98 -7.40 37.03
C LEU B 304 13.85 -7.36 38.28
N ASN B 305 13.90 -8.48 39.02
CA ASN B 305 14.83 -8.63 40.14
C ASN B 305 16.24 -8.28 39.69
N GLY B 306 17.04 -7.75 40.63
CA GLY B 306 18.32 -7.15 40.33
C GLY B 306 19.35 -8.14 39.78
N GLU B 307 19.20 -9.44 40.07
CA GLU B 307 20.22 -10.39 39.62
C GLU B 307 19.93 -10.83 38.18
N LEU B 308 18.72 -10.59 37.64
CA LEU B 308 18.47 -10.90 36.22
C LEU B 308 19.00 -9.78 35.34
N GLU B 309 19.63 -10.18 34.23
CA GLU B 309 20.19 -9.28 33.24
C GLU B 309 19.52 -9.53 31.89
N VAL B 310 19.14 -8.43 31.23
CA VAL B 310 18.52 -8.43 29.92
C VAL B 310 19.55 -8.02 28.88
N TYR B 311 19.60 -8.78 27.78
CA TYR B 311 20.47 -8.50 26.65
C TYR B 311 19.65 -8.29 25.39
N ARG B 312 20.18 -7.45 24.51
CA ARG B 312 19.65 -7.20 23.18
C ARG B 312 20.82 -6.94 22.24
N PHE B 313 20.74 -7.48 21.03
CA PHE B 313 21.70 -7.10 20.00
C PHE B 313 21.37 -5.68 19.54
N THR B 314 22.32 -4.75 19.73
CA THR B 314 22.12 -3.34 19.37
C THR B 314 23.33 -2.77 18.63
N ASP B 315 24.36 -3.57 18.32
CA ASP B 315 25.47 -3.13 17.50
C ASP B 315 25.15 -3.38 16.03
N THR B 316 24.37 -2.45 15.48
CA THR B 316 23.60 -2.68 14.28
C THR B 316 24.00 -1.70 13.17
N GLN B 317 25.26 -1.28 13.13
CA GLN B 317 25.62 -0.03 12.47
C GLN B 317 25.32 -0.09 10.97
N LYS B 318 25.82 -1.14 10.30
CA LYS B 318 25.63 -1.32 8.87
C LYS B 318 24.37 -2.17 8.60
N LEU B 319 23.98 -3.01 9.56
CA LEU B 319 23.01 -4.06 9.37
C LEU B 319 21.62 -3.49 9.15
N ASN B 320 20.95 -3.99 8.12
CA ASN B 320 19.59 -3.59 7.86
C ASN B 320 18.70 -4.36 8.83
N ASP B 321 17.39 -4.10 8.74
CA ASP B 321 16.46 -4.51 9.78
C ASP B 321 16.15 -6.00 9.69
N GLY B 322 16.19 -6.55 8.49
CA GLY B 322 15.94 -7.98 8.28
C GLY B 322 17.08 -8.82 8.87
N GLN B 323 18.31 -8.32 8.77
CA GLN B 323 19.50 -8.96 9.31
C GLN B 323 19.43 -8.97 10.84
N ILE B 324 18.96 -7.86 11.41
CA ILE B 324 18.82 -7.74 12.85
C ILE B 324 17.74 -8.70 13.32
N ALA B 325 16.62 -8.78 12.60
CA ALA B 325 15.56 -9.69 12.95
C ALA B 325 16.08 -11.13 12.95
N ILE B 326 16.88 -11.50 11.96
CA ILE B 326 17.40 -12.84 11.89
C ILE B 326 18.35 -13.13 13.05
N ILE B 327 19.19 -12.14 13.40
CA ILE B 327 20.08 -12.26 14.53
C ILE B 327 19.27 -12.44 15.81
N ASP B 328 18.22 -11.64 15.97
CA ASP B 328 17.35 -11.77 17.12
C ASP B 328 16.76 -13.18 17.17
N GLN B 329 16.33 -13.70 16.03
CA GLN B 329 15.70 -15.01 15.99
C GLN B 329 16.71 -16.11 16.26
N TYR B 330 17.91 -16.01 15.69
CA TYR B 330 18.97 -16.98 15.92
C TYR B 330 19.39 -16.98 17.39
N LEU B 331 19.40 -15.80 18.02
CA LEU B 331 19.78 -15.74 19.42
C LEU B 331 18.69 -16.37 20.28
N CYS B 332 17.42 -16.11 19.97
CA CYS B 332 16.33 -16.74 20.68
C CYS B 332 16.35 -18.27 20.49
N ALA B 333 16.77 -18.71 19.30
CA ALA B 333 16.69 -20.12 18.96
C ALA B 333 17.79 -20.93 19.65
N HIS B 334 18.78 -20.25 20.25
CA HIS B 334 19.87 -20.92 20.92
C HIS B 334 19.72 -20.84 22.43
N ALA B 335 18.60 -20.27 22.91
CA ALA B 335 18.29 -20.19 24.33
C ALA B 335 18.01 -21.59 24.88
N ALA B 336 18.19 -21.77 26.19
CA ALA B 336 17.83 -23.00 26.87
C ALA B 336 16.31 -23.15 26.88
N TYR B 337 15.61 -22.02 26.95
CA TYR B 337 14.16 -22.02 26.99
C TYR B 337 13.71 -20.78 26.22
N PHE B 338 12.66 -20.95 25.40
CA PHE B 338 12.12 -19.89 24.55
C PHE B 338 10.63 -19.72 24.85
N ILE B 339 10.21 -18.47 24.93
CA ILE B 339 8.80 -18.13 25.02
C ILE B 339 8.53 -16.95 24.07
N GLY B 340 7.46 -17.06 23.28
CA GLY B 340 7.21 -16.14 22.17
C GLY B 340 5.85 -15.48 22.26
N SER B 341 5.45 -14.77 21.20
CA SER B 341 4.23 -13.96 21.21
C SER B 341 3.11 -14.62 20.39
N TYR B 342 1.87 -14.36 20.81
CA TYR B 342 0.68 -14.97 20.23
C TYR B 342 0.62 -14.75 18.70
N GLU B 343 0.55 -15.85 17.95
CA GLU B 343 0.26 -15.83 16.52
C GLU B 343 1.32 -15.08 15.73
N SER B 344 2.49 -14.84 16.31
CA SER B 344 3.55 -14.10 15.66
C SER B 344 4.36 -15.00 14.73
N THR B 345 4.50 -14.60 13.46
CA THR B 345 5.31 -15.37 12.52
C THR B 345 6.79 -15.33 12.87
N PHE B 346 7.23 -14.25 13.52
CA PHE B 346 8.59 -14.14 14.01
C PHE B 346 8.89 -15.27 15.00
N THR B 347 7.97 -15.45 15.95
CA THR B 347 7.98 -16.53 16.92
C THR B 347 7.99 -17.89 16.20
N PHE B 348 7.10 -18.07 15.21
CA PHE B 348 6.96 -19.36 14.53
C PHE B 348 8.26 -19.77 13.86
N ARG B 349 8.98 -18.79 13.28
CA ARG B 349 10.25 -19.09 12.67
C ARG B 349 11.28 -19.51 13.72
N ILE B 350 11.25 -18.90 14.91
CA ILE B 350 12.14 -19.31 15.98
C ILE B 350 11.83 -20.75 16.39
N GLN B 351 10.55 -21.09 16.52
CA GLN B 351 10.15 -22.43 16.90
C GLN B 351 10.70 -23.43 15.90
N GLU B 352 10.66 -23.07 14.61
CA GLU B 352 11.15 -23.96 13.58
C GLU B 352 12.67 -24.09 13.72
N ASP B 353 13.37 -22.98 13.99
CA ASP B 353 14.81 -22.98 14.19
C ASP B 353 15.18 -23.93 15.34
N ARG B 354 14.43 -23.90 16.45
CA ARG B 354 14.75 -24.72 17.61
C ARG B 354 14.49 -26.20 17.32
N GLU B 355 13.41 -26.50 16.59
CA GLU B 355 13.16 -27.83 16.05
C GLU B 355 14.35 -28.36 15.25
N ILE B 356 14.91 -27.51 14.38
CA ILE B 356 16.05 -27.91 13.56
C ILE B 356 17.30 -28.09 14.43
N ILE B 357 17.48 -27.25 15.43
CA ILE B 357 18.67 -27.36 16.28
C ILE B 357 18.56 -28.69 17.06
N GLY B 358 17.34 -29.04 17.50
CA GLY B 358 17.06 -30.28 18.18
C GLY B 358 16.88 -30.08 19.69
N PHE B 359 16.05 -29.08 20.04
CA PHE B 359 15.65 -28.81 21.41
C PHE B 359 14.41 -29.61 21.78
N PRO B 360 14.27 -30.03 23.06
CA PRO B 360 13.03 -30.61 23.55
C PRO B 360 11.85 -29.68 23.27
N ILE B 361 10.70 -30.26 22.88
CA ILE B 361 9.55 -29.45 22.47
C ILE B 361 9.06 -28.54 23.60
N SER B 362 9.23 -28.98 24.86
CA SER B 362 8.77 -28.22 26.01
C SER B 362 9.50 -26.89 26.14
N THR B 363 10.73 -26.80 25.62
CA THR B 363 11.50 -25.57 25.70
C THR B 363 11.14 -24.60 24.56
N THR B 364 10.27 -25.02 23.62
CA THR B 364 10.15 -24.34 22.34
C THR B 364 8.76 -23.73 22.15
N PHE B 365 7.70 -24.56 22.30
CA PHE B 365 6.36 -24.15 21.91
C PHE B 365 5.63 -23.46 23.06
N ASN B 366 6.13 -22.27 23.44
CA ASN B 366 5.67 -21.57 24.62
C ASN B 366 5.29 -20.16 24.23
N ARG B 367 4.14 -19.68 24.74
CA ARG B 367 3.60 -18.38 24.38
C ARG B 367 3.31 -17.60 25.65
N LEU B 368 3.64 -16.30 25.63
CA LEU B 368 3.34 -15.34 26.68
C LEU B 368 1.84 -15.19 26.87
N CYS B 369 1.38 -15.35 28.11
CA CYS B 369 -0.04 -15.25 28.43
C CYS B 369 -0.40 -13.82 28.79
N PRO B 370 -1.63 -13.35 28.45
CA PRO B 370 -2.10 -12.05 28.90
C PRO B 370 -2.43 -12.12 30.40
N ASP B 371 -2.51 -10.93 31.03
CA ASP B 371 -2.63 -10.80 32.47
C ASP B 371 -3.89 -11.47 33.01
N THR B 372 -4.96 -11.51 32.21
CA THR B 372 -6.24 -12.05 32.66
C THR B 372 -6.40 -13.56 32.42
N GLU B 373 -5.48 -14.19 31.67
CA GLU B 373 -5.67 -15.59 31.28
C GLU B 373 -4.37 -16.35 31.50
N PRO B 374 -4.01 -16.64 32.77
CA PRO B 374 -2.74 -17.30 33.09
C PRO B 374 -2.56 -18.71 32.51
N THR B 375 -3.63 -19.36 32.05
CA THR B 375 -3.51 -20.63 31.35
C THR B 375 -4.10 -20.48 29.95
N CYS B 376 -3.51 -19.58 29.18
CA CYS B 376 -3.96 -19.28 27.84
C CYS B 376 -3.60 -20.41 26.86
N GLU B 377 -4.26 -20.39 25.70
CA GLU B 377 -3.98 -21.32 24.62
C GLU B 377 -2.52 -21.23 24.19
N GLN B 378 -1.87 -22.38 24.08
CA GLN B 378 -0.46 -22.49 23.76
C GLN B 378 -0.34 -23.04 22.34
N PRO B 379 0.76 -22.77 21.62
CA PRO B 379 0.81 -23.10 20.20
C PRO B 379 0.91 -24.61 19.96
N CYS B 380 0.36 -25.03 18.82
CA CYS B 380 0.44 -26.41 18.37
C CYS B 380 1.89 -26.80 18.11
N LYS B 381 2.26 -28.02 18.53
CA LYS B 381 3.61 -28.50 18.37
C LYS B 381 3.80 -29.14 17.00
N TRP B 382 4.05 -28.30 15.99
CA TRP B 382 4.43 -28.78 14.68
C TRP B 382 5.90 -29.17 14.72
N LYS B 383 6.15 -30.47 14.85
CA LYS B 383 7.49 -30.97 15.08
C LYS B 383 8.15 -31.27 13.75
N ILE B 384 9.49 -31.13 13.71
CA ILE B 384 10.24 -31.44 12.52
C ILE B 384 10.06 -32.91 12.15
N VAL B 385 10.00 -33.17 10.85
CA VAL B 385 9.83 -34.51 10.32
C VAL B 385 10.91 -34.73 9.28
N TYR B 386 11.61 -35.86 9.39
CA TYR B 386 12.57 -36.30 8.40
C TYR B 386 11.95 -37.52 7.68
N SER B 414 -7.11 -41.40 12.01
CA SER B 414 -6.49 -40.35 12.87
C SER B 414 -7.56 -39.42 13.42
N PRO B 415 -7.32 -38.79 14.58
CA PRO B 415 -8.05 -37.58 14.94
C PRO B 415 -7.61 -36.45 14.00
N TRP B 416 -8.42 -35.39 13.91
CA TRP B 416 -8.05 -34.19 13.18
C TRP B 416 -6.69 -33.70 13.66
N SER B 417 -5.84 -33.24 12.72
CA SER B 417 -4.63 -32.51 13.08
C SER B 417 -5.05 -31.16 13.65
N CYS B 418 -4.09 -30.44 14.24
CA CYS B 418 -4.25 -29.02 14.50
C CYS B 418 -4.54 -28.29 13.19
N TRP B 419 -5.28 -27.17 13.28
CA TRP B 419 -5.29 -26.18 12.22
C TRP B 419 -3.87 -25.69 11.95
N SER B 420 -3.53 -25.59 10.67
CA SER B 420 -2.31 -24.92 10.25
C SER B 420 -2.35 -23.47 10.73
N ASP B 421 -1.16 -22.85 10.72
CA ASP B 421 -1.04 -21.40 10.81
C ASP B 421 -1.69 -20.78 9.58
N CYS B 422 -2.24 -19.56 9.73
CA CYS B 422 -2.78 -18.81 8.60
C CYS B 422 -1.75 -18.64 7.49
N SER B 423 -2.29 -18.65 6.27
CA SER B 423 -1.56 -18.48 5.03
C SER B 423 -1.04 -17.05 4.87
N VAL B 424 -1.50 -16.13 5.72
CA VAL B 424 -1.33 -14.71 5.54
C VAL B 424 -1.34 -14.07 6.93
N THR B 425 -0.79 -12.84 7.09
CA THR B 425 -0.84 -12.14 8.38
C THR B 425 -1.74 -10.92 8.32
N CYS B 426 -2.24 -10.54 7.13
CA CYS B 426 -3.21 -9.46 7.01
C CYS B 426 -4.15 -9.80 5.85
N GLY B 427 -5.38 -9.30 5.90
CA GLY B 427 -6.38 -9.59 4.88
C GLY B 427 -6.95 -11.01 5.00
N LYS B 428 -7.19 -11.65 3.86
CA LYS B 428 -7.91 -12.93 3.79
C LYS B 428 -6.96 -14.10 3.59
N GLY B 429 -7.06 -15.09 4.46
CA GLY B 429 -6.24 -16.27 4.32
C GLY B 429 -7.03 -17.51 4.70
N MET B 430 -6.32 -18.64 4.86
CA MET B 430 -6.93 -19.90 5.22
C MET B 430 -6.03 -20.69 6.17
N ARG B 431 -6.66 -21.52 7.02
CA ARG B 431 -5.98 -22.60 7.72
C ARG B 431 -6.50 -23.94 7.21
N THR B 432 -5.73 -25.01 7.40
CA THR B 432 -6.16 -26.35 6.99
C THR B 432 -5.88 -27.36 8.10
N ARG B 433 -6.63 -28.48 8.07
CA ARG B 433 -6.51 -29.60 9.00
C ARG B 433 -6.61 -30.92 8.23
N GLN B 434 -5.85 -31.93 8.67
CA GLN B 434 -5.69 -33.16 7.89
C GLN B 434 -5.87 -34.37 8.83
N ARG B 435 -6.19 -35.55 8.26
CA ARG B 435 -6.24 -36.79 9.01
C ARG B 435 -6.24 -38.00 8.04
N ASP B 449 -14.24 -36.67 4.72
CA ASP B 449 -13.11 -35.89 4.16
C ASP B 449 -11.87 -36.07 5.05
N LEU B 450 -10.71 -36.19 4.40
CA LEU B 450 -9.44 -36.40 5.08
C LEU B 450 -8.67 -35.08 5.16
N GLU B 451 -9.25 -33.99 4.63
CA GLU B 451 -8.66 -32.66 4.66
C GLU B 451 -9.80 -31.63 4.78
N GLN B 452 -9.52 -30.53 5.46
CA GLN B 452 -10.49 -29.47 5.70
C GLN B 452 -9.78 -28.11 5.65
N ALA B 453 -10.56 -27.07 5.37
CA ALA B 453 -10.07 -25.71 5.29
C ALA B 453 -11.12 -24.76 5.87
N GLU B 454 -10.63 -23.62 6.37
CA GLU B 454 -11.49 -22.56 6.87
C GLU B 454 -10.81 -21.22 6.60
N LYS B 455 -11.65 -20.19 6.40
CA LYS B 455 -11.19 -18.83 6.28
C LYS B 455 -10.53 -18.41 7.60
N CYS B 456 -9.46 -17.63 7.51
CA CYS B 456 -9.03 -16.81 8.62
C CYS B 456 -8.97 -15.36 8.14
N MET B 457 -9.74 -14.49 8.82
CA MET B 457 -9.83 -13.10 8.44
C MET B 457 -8.99 -12.30 9.43
N LEU B 458 -8.03 -11.55 8.89
CA LEU B 458 -7.12 -10.73 9.67
C LEU B 458 -7.44 -9.26 9.36
N PRO B 459 -6.91 -8.31 10.14
CA PRO B 459 -7.01 -6.89 9.79
C PRO B 459 -6.41 -6.55 8.42
N GLU B 460 -6.90 -5.45 7.84
CA GLU B 460 -6.43 -4.90 6.56
C GLU B 460 -4.92 -4.71 6.58
N CYS B 461 -4.29 -4.95 5.43
CA CYS B 461 -2.89 -4.65 5.21
C CYS B 461 -2.63 -3.14 5.09
C1 NAG C . -7.64 14.65 25.45
C2 NAG C . -8.48 13.70 24.60
C3 NAG C . -9.17 12.72 25.53
C4 NAG C . -8.13 11.94 26.33
C5 NAG C . -7.21 12.89 27.11
C6 NAG C . -5.96 12.19 27.66
C7 NAG C . -9.11 14.42 22.33
C8 NAG C . -10.28 14.68 21.44
N2 NAG C . -9.38 14.35 23.65
O3 NAG C . -9.95 11.84 24.74
O4 NAG C . -8.81 11.09 27.24
O5 NAG C . -6.71 13.95 26.27
O6 NAG C . -6.03 10.76 27.57
O7 NAG C . -7.97 14.29 21.88
C1 EDO D . -8.37 26.37 -13.31
O1 EDO D . -8.15 27.44 -12.44
C2 EDO D . -8.53 26.77 -14.74
O2 EDO D . -7.61 26.05 -15.55
C1 EDO E . -26.15 10.54 -22.69
O1 EDO E . -26.57 11.13 -23.93
C2 EDO E . -26.91 9.31 -22.30
O2 EDO E . -27.89 9.49 -21.28
C1 EDO F . -14.93 8.35 -6.44
O1 EDO F . -15.04 7.02 -5.98
C2 EDO F . -15.01 8.40 -7.90
O2 EDO F . -15.58 9.58 -8.36
C1 EDO G . -20.01 14.85 -11.61
O1 EDO G . -20.45 16.18 -11.80
C2 EDO G . -20.94 13.98 -10.83
O2 EDO G . -20.58 12.61 -10.92
C1 EDO H . 5.43 32.37 15.36
O1 EDO H . 6.82 32.15 15.48
C2 EDO H . 4.89 33.48 16.21
O2 EDO H . 3.88 34.25 15.58
C1 EDO I . -10.71 18.96 -6.44
O1 EDO I . -9.58 19.60 -7.02
C2 EDO I . -12.02 19.36 -6.99
O2 EDO I . -13.11 19.33 -6.11
S SO4 J . -5.68 10.01 -11.09
O1 SO4 J . -6.32 8.73 -11.19
O2 SO4 J . -6.22 10.74 -9.98
O3 SO4 J . -5.94 10.76 -12.29
O4 SO4 J . -4.26 9.82 -10.92
S SO4 K . -26.82 20.22 -7.73
O1 SO4 K . -27.63 20.29 -8.92
O2 SO4 K . -27.30 19.15 -6.88
O3 SO4 K . -26.91 21.46 -7.00
O4 SO4 K . -25.46 19.99 -8.10
S SO4 L . -12.57 -3.16 -26.17
O1 SO4 L . -12.78 -2.75 -27.54
O2 SO4 L . -13.44 -4.25 -25.84
O3 SO4 L . -12.85 -2.06 -25.26
O4 SO4 L . -11.18 -3.55 -26.00
S SO4 M . -6.29 3.48 -18.36
O1 SO4 M . -6.34 4.23 -19.58
O2 SO4 M . -7.59 3.37 -17.77
O3 SO4 M . -5.79 2.16 -18.63
O4 SO4 M . -5.41 4.16 -17.44
S SO4 N . -6.08 35.79 5.92
O1 SO4 N . -6.50 35.49 7.26
O2 SO4 N . -7.16 36.45 5.23
O3 SO4 N . -5.74 34.57 5.24
O4 SO4 N . -4.93 36.67 5.91
S SO4 O . -2.74 4.07 -11.55
O1 SO4 O . -4.05 4.03 -10.95
O2 SO4 O . -2.82 3.75 -12.96
O3 SO4 O . -1.91 3.11 -10.87
O4 SO4 O . -2.19 5.37 -11.41
C1 NAG P . -6.15 -19.99 -21.14
C2 NAG P . -6.89 -19.68 -19.86
C3 NAG P . -8.37 -19.94 -20.08
C4 NAG P . -8.87 -19.11 -21.25
C5 NAG P . -8.05 -19.46 -22.48
C6 NAG P . -8.35 -18.60 -23.69
C7 NAG P . -5.41 -20.07 -18.01
C8 NAG P . -5.20 -20.79 -16.71
N2 NAG P . -6.43 -20.50 -18.76
O3 NAG P . -9.05 -19.64 -18.87
O4 NAG P . -10.25 -19.41 -21.46
O5 NAG P . -6.66 -19.22 -22.20
O6 NAG P . -8.54 -17.26 -23.29
O7 NAG P . -4.72 -19.12 -18.37
C1 GOL Q . 4.60 -9.87 14.87
O1 GOL Q . 3.49 -9.95 15.77
C2 GOL Q . 4.64 -11.02 13.89
O2 GOL Q . 5.98 -11.21 13.44
C3 GOL Q . 3.69 -10.85 12.72
O3 GOL Q . 2.89 -12.02 12.53
C1 EDO R . 15.49 -31.89 -14.07
O1 EDO R . 15.86 -30.98 -15.08
C2 EDO R . 14.04 -31.83 -13.84
O2 EDO R . 13.48 -33.11 -13.74
C1 EDO S . 10.62 -8.90 0.50
O1 EDO S . 10.21 -7.61 0.95
C2 EDO S . 10.32 -9.35 -0.89
O2 EDO S . 10.89 -10.64 -1.11
C1 EDO T . -3.77 -16.19 -21.67
O1 EDO T . -3.25 -17.27 -20.93
C2 EDO T . -4.96 -16.51 -22.49
O2 EDO T . -6.17 -16.36 -21.77
C1 EDO U . 26.53 -23.17 5.41
O1 EDO U . 27.43 -23.56 6.41
C2 EDO U . 25.09 -23.38 5.76
O2 EDO U . 24.73 -23.35 7.13
C1 EDO V . -12.63 -26.99 -10.39
O1 EDO V . -11.87 -27.73 -11.37
C2 EDO V . -14.11 -26.94 -10.57
O2 EDO V . -14.79 -25.68 -10.48
S SO4 W . 6.60 -4.08 18.63
O1 SO4 W . 6.43 -2.76 19.18
O2 SO4 W . 5.31 -4.71 18.52
O3 SO4 W . 7.46 -4.86 19.49
O4 SO4 W . 7.20 -3.99 17.33
S SO4 X . 6.04 -2.78 11.12
O1 SO4 X . 4.83 -3.55 10.99
O2 SO4 X . 6.00 -1.67 10.19
O3 SO4 X . 6.16 -2.28 12.46
O4 SO4 X . 7.17 -3.62 10.84
S SO4 Y . 7.70 -9.77 10.77
O1 SO4 Y . 7.61 -10.78 9.74
O2 SO4 Y . 6.39 -9.34 11.14
O3 SO4 Y . 8.35 -10.34 11.93
O4 SO4 Y . 8.47 -8.65 10.27
S SO4 Z . 16.94 -32.12 -9.32
O1 SO4 Z . 15.91 -32.80 -10.06
O2 SO4 Z . 16.35 -31.01 -8.63
O3 SO4 Z . 17.55 -33.01 -8.38
O4 SO4 Z . 17.93 -31.63 -10.24
S SO4 AA . 9.95 -36.29 18.08
O1 SO4 AA . 9.73 -37.58 17.49
O2 SO4 AA . 8.98 -36.01 19.10
O3 SO4 AA . 9.85 -35.30 17.03
O4 SO4 AA . 11.29 -36.25 18.65
S SO4 BA . 1.26 -2.13 29.48
O1 SO4 BA . 1.44 -3.21 28.55
O2 SO4 BA . -0.15 -1.88 29.65
O3 SO4 BA . 1.84 -2.51 30.75
O4 SO4 BA . 1.91 -0.95 28.99
#